data_6YO5
#
_entry.id   6YO5
#
_cell.length_a   51.405
_cell.length_b   104.446
_cell.length_c   162.179
_cell.angle_alpha   90.000
_cell.angle_beta   90.000
_cell.angle_gamma   90.000
#
_symmetry.space_group_name_H-M   'P 21 21 21'
#
loop_
_entity.id
_entity.type
_entity.pdbx_description
1 polymer 'Copper oxidase'
2 polymer ALA-HIS-ALA
3 non-polymer 'COPPER (II) ION'
4 non-polymer 'SULFATE ION'
5 water water
#
loop_
_entity_poly.entity_id
_entity_poly.type
_entity_poly.pdbx_seq_one_letter_code
_entity_poly.pdbx_strand_id
1 'polypeptide(L)'
;MHHHHHHGFNRRVLLGGAAVATSLSLAPEARSDAGPAQAAPGGEVRRIKLYAERLADGQMGYGLEKGRATIPGPLIELNE
GDTLHIEFENTMDVRASLHVHGLDYEVSSDGTTLNKSDVEPGGTRTYTWRTHAPGRRSDGTWRAGSAGYWHYHDHVVGTE
HGTGGIRKGLYGPVIVRRKGDVLPDATHTIVFNDMLINNRPAHSGPNFEATVGDRVEFVMITHGEYYHTFHMHGHRWADN
RTGMLTGPDDPSQVVDNKIVGPADSFGFQVIAGEGVGAGAWMYHCHVQSHSDMGFVGLFLVKKTDGTIPGYEPHEHSGQR
AEHHH
;
AAA,BBB,CCC
2 'polypeptide(L)' AHA GGG
#
# COMPACT_ATOMS: atom_id res chain seq x y z
N GLY A 43 -12.73 -18.96 24.45
CA GLY A 43 -13.21 -17.54 24.44
C GLY A 43 -13.64 -17.10 25.83
N GLU A 44 -13.01 -16.07 26.37
CA GLU A 44 -13.35 -15.53 27.71
C GLU A 44 -14.20 -14.27 27.50
N VAL A 45 -15.12 -13.98 28.42
CA VAL A 45 -15.79 -12.66 28.53
C VAL A 45 -15.00 -11.81 29.51
N ARG A 46 -14.50 -10.67 29.05
CA ARG A 46 -13.66 -9.76 29.82
C ARG A 46 -14.40 -8.43 29.95
N ARG A 47 -14.14 -7.70 31.02
CA ARG A 47 -14.80 -6.41 31.32
C ARG A 47 -13.70 -5.45 31.73
N ILE A 48 -13.62 -4.26 31.14
CA ILE A 48 -12.69 -3.21 31.64
C ILE A 48 -13.50 -1.92 31.75
N LYS A 49 -12.97 -0.97 32.49
CA LYS A 49 -13.40 0.44 32.42
C LYS A 49 -12.40 1.24 31.58
N LEU A 50 -12.91 2.18 30.80
CA LEU A 50 -12.10 3.15 30.06
C LEU A 50 -12.70 4.50 30.31
N TYR A 51 -11.86 5.53 30.30
CA TYR A 51 -12.28 6.92 30.51
C TYR A 51 -11.67 7.75 29.40
N ALA A 52 -12.42 8.71 28.87
CA ALA A 52 -11.88 9.78 28.02
C ALA A 52 -11.75 11.02 28.90
N GLU A 53 -10.60 11.66 28.87
CA GLU A 53 -10.38 12.85 29.73
C GLU A 53 -9.52 13.86 28.95
N ARG A 54 -9.78 15.12 29.21
CA ARG A 54 -8.85 16.18 28.79
C ARG A 54 -7.52 16.03 29.57
N LEU A 55 -6.44 16.28 28.88
CA LEU A 55 -5.06 16.24 29.38
C LEU A 55 -4.44 17.63 29.22
N ALA A 56 -3.23 17.82 29.74
CA ALA A 56 -2.48 19.09 29.63
C ALA A 56 -2.29 19.46 28.16
N ASP A 57 -2.04 20.74 27.88
CA ASP A 57 -1.43 21.19 26.61
C ASP A 57 -2.47 20.93 25.50
N GLY A 58 -3.78 21.00 25.79
CA GLY A 58 -4.92 20.90 24.87
C GLY A 58 -5.16 19.50 24.32
N GLN A 59 -4.69 18.50 25.05
CA GLN A 59 -4.73 17.09 24.59
C GLN A 59 -5.94 16.39 25.22
N MET A 60 -6.19 15.16 24.73
CA MET A 60 -7.29 14.28 25.23
C MET A 60 -6.76 12.86 25.15
N GLY A 61 -7.14 12.03 26.11
CA GLY A 61 -6.70 10.65 26.04
C GLY A 61 -7.65 9.73 26.74
N TYR A 62 -7.43 8.45 26.45
CA TYR A 62 -8.11 7.34 27.11
C TYR A 62 -7.22 6.78 28.22
N GLY A 63 -7.86 6.38 29.31
CA GLY A 63 -7.20 5.72 30.45
C GLY A 63 -8.05 4.61 31.06
N LEU A 64 -7.38 3.65 31.69
CA LEU A 64 -8.05 2.57 32.46
C LEU A 64 -8.56 3.08 33.81
N GLU A 65 -8.05 4.23 34.28
CA GLU A 65 -8.47 4.87 35.54
C GLU A 65 -8.50 6.38 35.34
N LYS A 66 -9.40 7.08 36.02
CA LYS A 66 -9.45 8.54 35.96
C LYS A 66 -8.14 9.12 36.44
N GLY A 67 -7.65 10.10 35.71
CA GLY A 67 -6.35 10.76 35.92
C GLY A 67 -5.19 9.93 35.43
N ARG A 68 -5.43 8.81 34.73
CA ARG A 68 -4.30 7.97 34.27
C ARG A 68 -4.34 7.82 32.74
N ALA A 69 -5.00 8.73 32.03
CA ALA A 69 -5.05 8.65 30.55
C ALA A 69 -3.66 8.86 29.95
N THR A 70 -3.41 8.13 28.87
CA THR A 70 -2.15 8.17 28.13
C THR A 70 -2.46 8.36 26.65
N ILE A 71 -1.47 8.83 25.92
CA ILE A 71 -1.49 8.93 24.44
C ILE A 71 -0.23 8.24 23.93
N PRO A 72 -0.30 7.12 23.19
CA PRO A 72 -1.55 6.41 22.89
C PRO A 72 -2.22 5.83 24.15
N GLY A 73 -3.51 5.54 24.00
CA GLY A 73 -4.31 4.88 25.03
C GLY A 73 -3.77 3.49 25.36
N PRO A 74 -4.37 2.88 26.37
CA PRO A 74 -3.94 1.56 26.81
C PRO A 74 -4.03 0.53 25.68
N LEU A 75 -3.10 -0.40 25.68
CA LEU A 75 -3.14 -1.54 24.73
C LEU A 75 -4.21 -2.50 25.22
N ILE A 76 -5.11 -2.88 24.33
CA ILE A 76 -6.13 -3.91 24.60
C ILE A 76 -5.73 -5.15 23.81
N GLU A 77 -5.62 -6.28 24.49
CA GLU A 77 -5.16 -7.54 23.90
C GLU A 77 -6.24 -8.59 24.12
N LEU A 78 -6.69 -9.25 23.04
CA LEU A 78 -7.73 -10.27 23.12
C LEU A 78 -7.23 -11.49 22.36
N ASN A 79 -7.77 -12.66 22.68
CA ASN A 79 -7.64 -13.88 21.88
C ASN A 79 -8.91 -14.06 21.05
N GLU A 80 -8.77 -14.52 19.81
CA GLU A 80 -9.94 -14.81 18.96
C GLU A 80 -10.97 -15.63 19.76
N GLY A 81 -12.21 -15.16 19.75
CA GLY A 81 -13.36 -15.75 20.50
C GLY A 81 -13.71 -14.97 21.74
N ASP A 82 -12.77 -14.20 22.28
CA ASP A 82 -13.02 -13.38 23.46
C ASP A 82 -14.01 -12.28 23.15
N THR A 83 -14.82 -11.95 24.15
CA THR A 83 -15.72 -10.78 24.11
C THR A 83 -15.20 -9.78 25.13
N LEU A 84 -15.21 -8.49 24.79
CA LEU A 84 -14.80 -7.44 25.76
C LEU A 84 -15.96 -6.45 25.91
N HIS A 85 -16.36 -6.24 27.15
CA HIS A 85 -17.32 -5.17 27.49
C HIS A 85 -16.52 -4.03 28.08
N ILE A 86 -16.60 -2.85 27.44
CA ILE A 86 -15.87 -1.66 27.89
C ILE A 86 -16.87 -0.70 28.51
N GLU A 87 -16.76 -0.54 29.82
CA GLU A 87 -17.61 0.46 30.52
C GLU A 87 -16.93 1.82 30.36
N PHE A 88 -17.37 2.58 29.38
CA PHE A 88 -16.72 3.82 28.94
C PHE A 88 -17.40 5.01 29.61
N GLU A 89 -16.59 5.87 30.21
CA GLU A 89 -17.09 7.12 30.80
C GLU A 89 -16.40 8.26 30.07
N ASN A 90 -17.23 9.13 29.52
CA ASN A 90 -16.78 10.39 28.92
C ASN A 90 -16.74 11.47 30.00
N THR A 91 -15.56 11.74 30.52
CA THR A 91 -15.45 12.75 31.61
C THR A 91 -15.35 14.16 31.02
N MET A 92 -15.35 14.28 29.70
CA MET A 92 -15.11 15.58 29.03
C MET A 92 -16.41 16.37 28.91
N ASP A 93 -16.27 17.63 28.49
CA ASP A 93 -17.37 18.60 28.28
C ASP A 93 -17.85 18.58 26.83
N VAL A 94 -17.35 17.68 26.00
CA VAL A 94 -17.78 17.51 24.60
C VAL A 94 -18.13 16.05 24.41
N ARG A 95 -19.01 15.78 23.44
CA ARG A 95 -19.33 14.38 23.12
C ARG A 95 -18.06 13.70 22.64
N ALA A 96 -17.98 12.40 22.94
CA ALA A 96 -16.82 11.56 22.57
C ALA A 96 -17.31 10.14 22.35
N SER A 97 -16.51 9.35 21.69
CA SER A 97 -16.90 7.95 21.48
C SER A 97 -15.68 7.03 21.50
N LEU A 98 -15.96 5.75 21.39
CA LEU A 98 -15.00 4.68 21.18
C LEU A 98 -15.44 3.94 19.94
N HIS A 99 -14.57 3.90 18.95
CA HIS A 99 -14.80 3.17 17.68
C HIS A 99 -13.63 2.25 17.47
N VAL A 100 -13.84 1.05 16.99
CA VAL A 100 -12.74 0.07 16.85
C VAL A 100 -12.68 -0.37 15.40
N HIS A 101 -11.47 -0.60 14.91
CA HIS A 101 -11.22 -1.27 13.63
C HIS A 101 -11.16 -2.79 13.80
N GLY A 102 -11.61 -3.51 12.78
CA GLY A 102 -11.32 -4.96 12.68
C GLY A 102 -12.24 -5.87 13.50
N LEU A 103 -12.62 -5.48 14.69
CA LEU A 103 -13.32 -6.40 15.61
C LEU A 103 -14.81 -6.47 15.25
N ASP A 104 -15.51 -7.42 15.85
CA ASP A 104 -16.97 -7.55 15.63
C ASP A 104 -17.67 -6.61 16.61
N TYR A 105 -18.52 -5.78 16.11
CA TYR A 105 -19.33 -4.91 16.97
C TYR A 105 -20.63 -4.70 16.24
N GLU A 106 -21.71 -4.49 16.97
CA GLU A 106 -23.02 -4.11 16.41
C GLU A 106 -23.10 -2.60 16.26
N VAL A 107 -24.10 -2.10 15.56
CA VAL A 107 -24.19 -0.64 15.31
C VAL A 107 -24.32 0.11 16.63
N SER A 108 -24.86 -0.53 17.68
CA SER A 108 -24.97 0.10 19.02
C SER A 108 -23.59 0.31 19.65
N SER A 109 -22.55 -0.27 19.06
CA SER A 109 -21.15 -0.01 19.50
C SER A 109 -20.31 0.58 18.36
N ASP A 110 -20.93 1.18 17.35
CA ASP A 110 -20.22 1.85 16.22
C ASP A 110 -19.45 3.08 16.72
N GLY A 111 -19.97 3.76 17.73
CA GLY A 111 -19.36 5.01 18.26
C GLY A 111 -19.55 6.20 17.36
N THR A 112 -20.64 6.19 16.59
CA THR A 112 -20.87 7.25 15.58
C THR A 112 -22.14 8.05 15.87
N THR A 113 -22.17 9.26 15.36
CA THR A 113 -23.38 10.10 15.27
C THR A 113 -24.46 9.33 14.46
N LEU A 114 -24.08 8.79 13.32
CA LEU A 114 -25.02 8.05 12.42
C LEU A 114 -25.82 7.03 13.22
N ASN A 115 -25.16 6.24 14.06
CA ASN A 115 -25.80 5.16 14.84
C ASN A 115 -26.05 5.55 16.28
N LYS A 116 -25.99 6.85 16.57
CA LYS A 116 -26.37 7.40 17.90
C LYS A 116 -25.67 6.63 19.03
N SER A 117 -24.38 6.31 18.87
CA SER A 117 -23.71 5.43 19.83
C SER A 117 -22.40 6.06 20.27
N ASP A 118 -22.35 7.38 20.24
CA ASP A 118 -21.37 8.18 21.00
C ASP A 118 -21.94 8.50 22.39
N VAL A 119 -21.20 9.32 23.15
CA VAL A 119 -21.49 9.49 24.58
C VAL A 119 -21.52 10.99 24.87
N GLU A 120 -22.61 11.43 25.51
CA GLU A 120 -22.76 12.82 25.94
C GLU A 120 -21.67 13.13 26.96
N PRO A 121 -21.40 14.45 27.14
CA PRO A 121 -20.47 14.87 28.18
C PRO A 121 -20.91 14.34 29.54
N GLY A 122 -20.00 13.71 30.25
CA GLY A 122 -20.19 13.10 31.56
C GLY A 122 -20.93 11.78 31.51
N GLY A 123 -21.27 11.30 30.33
CA GLY A 123 -22.06 10.07 30.19
C GLY A 123 -21.21 8.81 30.30
N THR A 124 -21.93 7.69 30.44
CA THR A 124 -21.29 6.36 30.44
C THR A 124 -22.05 5.51 29.45
N ARG A 125 -21.32 4.63 28.81
CA ARG A 125 -21.89 3.70 27.83
C ARG A 125 -21.04 2.45 27.90
N THR A 126 -21.66 1.28 27.86
CA THR A 126 -20.92 0.02 27.69
C THR A 126 -20.84 -0.29 26.19
N TYR A 127 -19.62 -0.31 25.65
CA TYR A 127 -19.31 -0.82 24.31
C TYR A 127 -19.00 -2.30 24.43
N THR A 128 -19.41 -3.06 23.44
CA THR A 128 -19.07 -4.49 23.35
C THR A 128 -18.32 -4.76 22.06
N TRP A 129 -17.16 -5.36 22.20
CA TRP A 129 -16.35 -5.86 21.08
C TRP A 129 -16.31 -7.37 21.15
N ARG A 130 -16.65 -8.01 20.06
CA ARG A 130 -16.55 -9.50 19.98
C ARG A 130 -15.44 -9.81 19.00
N THR A 131 -14.94 -11.03 19.08
CA THR A 131 -13.96 -11.53 18.13
C THR A 131 -14.33 -12.97 17.79
N HIS A 132 -13.80 -13.42 16.68
CA HIS A 132 -14.05 -14.82 16.24
C HIS A 132 -12.79 -15.44 15.66
N ALA A 133 -12.71 -16.76 15.76
CA ALA A 133 -11.71 -17.55 15.06
C ALA A 133 -12.15 -17.72 13.62
N PRO A 134 -11.19 -18.02 12.71
CA PRO A 134 -11.50 -18.31 11.33
C PRO A 134 -12.22 -19.68 11.28
N GLY A 135 -12.91 -19.91 10.18
CA GLY A 135 -13.52 -21.25 9.99
C GLY A 135 -14.17 -21.37 8.65
N ARG A 136 -14.52 -22.60 8.30
CA ARG A 136 -15.07 -22.91 6.97
C ARG A 136 -16.56 -22.57 6.99
N ARG A 137 -17.01 -21.74 6.07
CA ARG A 137 -18.43 -21.37 5.93
C ARG A 137 -19.20 -22.45 5.14
N SER A 138 -20.51 -22.39 5.26
CA SER A 138 -21.42 -23.36 4.59
C SER A 138 -21.43 -23.14 3.08
N ASP A 139 -20.87 -22.04 2.58
CA ASP A 139 -20.64 -21.79 1.13
C ASP A 139 -19.27 -22.27 0.66
N GLY A 140 -18.49 -22.89 1.54
CA GLY A 140 -17.19 -23.49 1.19
C GLY A 140 -16.04 -22.52 1.28
N THR A 141 -16.32 -21.26 1.62
CA THR A 141 -15.27 -20.21 1.75
C THR A 141 -14.68 -20.25 3.16
N TRP A 142 -13.57 -19.54 3.37
CA TRP A 142 -12.87 -19.49 4.67
C TRP A 142 -13.19 -18.12 5.28
N ARG A 143 -13.88 -18.11 6.41
CA ARG A 143 -14.16 -16.85 7.12
C ARG A 143 -12.86 -16.35 7.76
N ALA A 144 -12.46 -15.15 7.42
CA ALA A 144 -11.27 -14.52 8.04
C ALA A 144 -11.56 -14.29 9.52
N GLY A 145 -10.63 -14.68 10.37
CA GLY A 145 -10.73 -14.39 11.79
C GLY A 145 -10.49 -12.93 12.12
N SER A 146 -10.69 -12.62 13.39
CA SER A 146 -10.47 -11.27 13.96
C SER A 146 -8.98 -10.95 14.11
N ALA A 147 -8.10 -11.94 14.11
CA ALA A 147 -6.69 -11.72 14.51
C ALA A 147 -6.03 -10.64 13.67
N GLY A 148 -5.27 -9.80 14.35
CA GLY A 148 -4.51 -8.79 13.64
C GLY A 148 -4.13 -7.64 14.51
N TYR A 149 -3.49 -6.70 13.87
CA TYR A 149 -3.10 -5.43 14.53
C TYR A 149 -4.13 -4.37 14.15
N TRP A 150 -4.82 -3.90 15.17
CA TRP A 150 -5.99 -3.01 15.04
C TRP A 150 -5.84 -1.81 15.98
N HIS A 151 -6.88 -1.04 16.13
CA HIS A 151 -6.81 0.25 16.86
C HIS A 151 -8.19 0.73 17.16
N TYR A 152 -8.29 1.55 18.17
CA TYR A 152 -9.55 2.22 18.54
C TYR A 152 -9.31 3.73 18.60
N HIS A 153 -10.36 4.49 18.38
CA HIS A 153 -10.24 5.97 18.40
C HIS A 153 -11.60 6.62 18.52
N ASP A 154 -11.59 7.91 18.78
CA ASP A 154 -12.84 8.69 18.87
C ASP A 154 -13.39 8.93 17.48
N HIS A 155 -14.70 9.07 17.39
CA HIS A 155 -15.39 9.35 16.11
C HIS A 155 -16.24 10.62 16.17
N VAL A 156 -16.24 11.42 17.25
CA VAL A 156 -17.19 12.56 17.31
C VAL A 156 -16.57 13.84 17.88
N VAL A 157 -15.34 13.86 18.36
CA VAL A 157 -14.79 15.13 18.89
C VAL A 157 -14.36 15.98 17.69
N GLY A 158 -14.82 17.24 17.63
CA GLY A 158 -14.35 18.16 16.59
C GLY A 158 -15.20 18.06 15.35
N THR A 159 -15.31 16.86 14.79
CA THR A 159 -16.20 16.55 13.68
C THR A 159 -16.84 15.17 13.89
N GLU A 160 -17.82 14.85 13.03
CA GLU A 160 -18.48 13.53 12.99
C GLU A 160 -17.54 12.43 12.52
N HIS A 161 -16.27 12.73 12.22
CA HIS A 161 -15.25 11.69 11.97
C HIS A 161 -14.17 11.68 13.03
N GLY A 162 -14.33 12.46 14.11
CA GLY A 162 -13.37 12.41 15.21
C GLY A 162 -12.10 13.15 14.90
N THR A 163 -12.10 14.09 13.94
CA THR A 163 -10.84 14.74 13.54
C THR A 163 -10.19 15.39 14.76
N GLY A 164 -10.97 16.11 15.57
CA GLY A 164 -10.42 16.83 16.72
C GLY A 164 -10.00 15.85 17.79
N GLY A 165 -10.78 14.80 18.01
CA GLY A 165 -10.42 13.85 19.08
C GLY A 165 -9.16 13.11 18.74
N ILE A 166 -9.06 12.65 17.51
CA ILE A 166 -7.85 11.94 17.05
C ILE A 166 -6.64 12.85 17.14
N ARG A 167 -6.80 14.09 16.66
CA ARG A 167 -5.71 15.10 16.67
C ARG A 167 -5.21 15.22 18.10
N LYS A 168 -6.13 15.27 19.05
CA LYS A 168 -5.76 15.59 20.44
C LYS A 168 -5.29 14.40 21.26
N GLY A 169 -5.40 13.17 20.74
CA GLY A 169 -4.80 12.01 21.44
C GLY A 169 -5.75 10.83 21.66
N LEU A 170 -7.01 10.89 21.24
CA LEU A 170 -7.98 9.81 21.50
C LEU A 170 -7.81 8.66 20.50
N TYR A 171 -6.73 7.90 20.71
CA TYR A 171 -6.43 6.69 19.91
C TYR A 171 -5.64 5.72 20.76
N GLY A 172 -5.77 4.42 20.44
CA GLY A 172 -4.95 3.42 21.11
C GLY A 172 -4.95 2.12 20.32
N PRO A 173 -4.00 1.24 20.65
CA PRO A 173 -3.83 -0.01 19.92
C PRO A 173 -4.68 -1.16 20.45
N VAL A 174 -5.01 -2.07 19.54
CA VAL A 174 -5.74 -3.33 19.87
C VAL A 174 -5.01 -4.45 19.17
N ILE A 175 -4.62 -5.49 19.89
CA ILE A 175 -4.07 -6.72 19.26
C ILE A 175 -5.05 -7.84 19.53
N VAL A 176 -5.39 -8.59 18.48
CA VAL A 176 -6.17 -9.84 18.58
C VAL A 176 -5.25 -10.95 18.11
N ARG A 177 -5.07 -11.93 18.98
CA ARG A 177 -4.21 -13.07 18.70
C ARG A 177 -5.03 -14.29 18.28
N ARG A 178 -4.42 -15.09 17.43
CA ARG A 178 -4.92 -16.40 17.00
C ARG A 178 -4.25 -17.46 17.87
N LYS A 179 -4.96 -18.53 18.19
CA LYS A 179 -4.34 -19.70 18.89
C LYS A 179 -3.03 -20.11 18.21
N GLY A 180 -1.97 -20.28 19.01
CA GLY A 180 -0.68 -20.70 18.48
C GLY A 180 0.16 -19.56 17.96
N ASP A 181 -0.32 -18.31 18.01
CA ASP A 181 0.54 -17.18 17.59
C ASP A 181 1.76 -17.11 18.53
N VAL A 182 2.88 -16.71 17.94
CA VAL A 182 4.14 -16.41 18.65
C VAL A 182 3.94 -15.13 19.51
N LEU A 183 4.16 -15.21 20.82
CA LEU A 183 4.01 -14.08 21.75
C LEU A 183 5.35 -13.42 22.05
N PRO A 184 5.35 -12.07 22.19
CA PRO A 184 6.62 -11.36 22.26
C PRO A 184 7.08 -11.21 23.70
N ASP A 185 8.32 -10.74 23.88
CA ASP A 185 8.85 -10.32 25.19
C ASP A 185 8.35 -8.94 25.56
N ALA A 186 8.00 -8.09 24.57
CA ALA A 186 7.60 -6.70 24.80
C ALA A 186 6.87 -6.21 23.56
N THR A 187 5.92 -5.33 23.80
CA THR A 187 5.16 -4.69 22.71
C THR A 187 5.33 -3.17 22.81
N HIS A 188 5.60 -2.52 21.69
CA HIS A 188 5.74 -1.07 21.60
C HIS A 188 4.78 -0.53 20.57
N THR A 189 4.07 0.57 20.89
CA THR A 189 3.12 1.19 19.93
C THR A 189 3.71 2.49 19.42
N ILE A 190 3.76 2.62 18.11
CA ILE A 190 4.18 3.85 17.41
C ILE A 190 3.02 4.36 16.57
N VAL A 191 2.57 5.58 16.87
CA VAL A 191 1.48 6.19 16.10
C VAL A 191 2.01 7.43 15.40
N PHE A 192 1.92 7.43 14.08
CA PHE A 192 2.17 8.63 13.29
C PHE A 192 0.85 9.39 13.24
N ASN A 193 0.71 10.44 14.03
CA ASN A 193 -0.53 11.25 14.06
C ASN A 193 -0.22 12.62 13.47
N ASP A 194 -0.70 12.92 12.27
CA ASP A 194 -0.29 14.11 11.48
C ASP A 194 1.23 14.09 11.41
N MET A 195 1.91 15.12 11.89
CA MET A 195 3.40 15.14 11.82
C MET A 195 4.02 14.66 13.13
N LEU A 196 3.22 14.26 14.13
CA LEU A 196 3.72 13.86 15.48
C LEU A 196 3.91 12.34 15.58
N ILE A 197 4.71 11.90 16.54
CA ILE A 197 4.78 10.46 16.91
C ILE A 197 4.22 10.39 18.31
N ASN A 198 3.08 9.73 18.49
CA ASN A 198 2.49 9.54 19.84
C ASN A 198 2.24 10.92 20.47
N ASN A 199 1.93 11.91 19.63
CA ASN A 199 1.58 13.28 20.06
C ASN A 199 2.75 13.92 20.81
N ARG A 200 3.96 13.36 20.70
CA ARG A 200 5.17 13.99 21.29
C ARG A 200 5.58 15.17 20.41
N PRO A 201 6.12 16.27 20.99
CA PRO A 201 6.73 17.32 20.17
C PRO A 201 7.95 16.84 19.34
N ALA A 202 8.32 17.53 18.25
CA ALA A 202 9.54 17.22 17.45
C ALA A 202 10.72 16.99 18.40
N HIS A 203 11.61 16.06 18.04
CA HIS A 203 12.80 15.62 18.85
C HIS A 203 12.36 15.19 20.25
N SER A 204 11.48 14.17 20.37
CA SER A 204 10.91 13.71 21.66
C SER A 204 10.76 12.18 21.72
N GLY A 205 11.57 11.44 20.93
CA GLY A 205 11.48 9.98 20.75
C GLY A 205 10.14 9.60 20.14
N PRO A 206 9.39 8.62 20.69
CA PRO A 206 9.82 7.83 21.85
C PRO A 206 10.90 6.80 21.51
N ASN A 207 11.71 6.46 22.51
CA ASN A 207 12.72 5.39 22.44
C ASN A 207 12.18 4.13 23.10
N PHE A 208 12.61 3.00 22.61
CA PHE A 208 12.24 1.68 23.18
C PHE A 208 13.51 0.88 23.40
N GLU A 209 13.64 0.26 24.55
CA GLU A 209 14.86 -0.49 24.91
C GLU A 209 14.60 -1.99 24.80
N ALA A 210 15.61 -2.71 24.36
CA ALA A 210 15.58 -4.17 24.32
C ALA A 210 16.98 -4.69 24.60
N THR A 211 17.07 -5.98 24.76
CA THR A 211 18.36 -6.69 24.69
C THR A 211 18.44 -7.53 23.43
N VAL A 212 19.63 -7.67 22.87
CA VAL A 212 19.86 -8.59 21.72
C VAL A 212 19.18 -9.92 22.00
N GLY A 213 18.41 -10.38 21.03
CA GLY A 213 17.76 -11.68 21.07
C GLY A 213 16.32 -11.60 21.59
N ASP A 214 15.93 -10.49 22.18
CA ASP A 214 14.54 -10.30 22.66
C ASP A 214 13.64 -10.39 21.43
N ARG A 215 12.45 -10.93 21.63
CA ARG A 215 11.37 -10.97 20.61
C ARG A 215 10.53 -9.73 20.88
N VAL A 216 10.66 -8.73 20.01
CA VAL A 216 10.06 -7.41 20.22
C VAL A 216 8.96 -7.20 19.16
N GLU A 217 7.78 -6.85 19.66
CA GLU A 217 6.59 -6.56 18.83
C GLU A 217 6.41 -5.06 18.72
N PHE A 218 6.10 -4.63 17.50
CA PHE A 218 5.73 -3.24 17.20
C PHE A 218 4.32 -3.21 16.61
N VAL A 219 3.53 -2.26 17.10
CA VAL A 219 2.21 -1.91 16.56
C VAL A 219 2.34 -0.53 15.97
N MET A 220 1.99 -0.39 14.70
CA MET A 220 2.26 0.83 13.91
C MET A 220 0.90 1.32 13.36
N ILE A 221 0.46 2.47 13.88
CA ILE A 221 -0.86 3.04 13.56
C ILE A 221 -0.61 4.44 13.01
N THR A 222 -1.41 4.85 12.03
CA THR A 222 -1.33 6.18 11.40
C THR A 222 -2.68 6.87 11.50
N HIS A 223 -2.65 8.16 11.71
CA HIS A 223 -3.85 9.00 11.81
C HIS A 223 -3.60 10.37 11.15
N GLY A 224 -4.70 11.00 10.76
CA GLY A 224 -4.71 12.43 10.46
C GLY A 224 -4.86 12.70 8.99
N GLU A 225 -3.98 13.55 8.49
CA GLU A 225 -4.15 14.14 7.14
C GLU A 225 -3.17 13.53 6.12
N TYR A 226 -2.06 12.96 6.57
CA TYR A 226 -0.89 12.73 5.70
C TYR A 226 -0.62 11.25 5.55
N TYR A 227 -0.04 10.91 4.41
CA TYR A 227 0.59 9.58 4.19
C TYR A 227 2.00 9.68 4.79
N HIS A 228 2.51 8.55 5.21
CA HIS A 228 3.86 8.37 5.78
C HIS A 228 4.52 7.12 5.23
N THR A 229 5.83 7.01 5.39
CA THR A 229 6.52 5.72 5.20
C THR A 229 7.29 5.40 6.48
N PHE A 230 6.94 4.30 7.11
CA PHE A 230 7.57 3.84 8.35
C PHE A 230 8.83 3.06 7.97
N HIS A 231 9.99 3.44 8.52
CA HIS A 231 11.26 2.72 8.27
C HIS A 231 11.95 2.41 9.59
N MET A 232 12.53 1.25 9.71
CA MET A 232 13.37 0.91 10.87
C MET A 232 14.75 0.47 10.38
N HIS A 233 15.79 1.04 10.95
CA HIS A 233 17.17 0.60 10.62
C HIS A 233 17.46 -0.74 11.29
N GLY A 234 18.22 -1.56 10.61
CA GLY A 234 18.81 -2.77 11.16
C GLY A 234 17.87 -3.95 11.22
N HIS A 235 16.59 -3.77 10.85
CA HIS A 235 15.57 -4.79 11.08
C HIS A 235 14.61 -4.81 9.88
N ARG A 236 13.85 -5.88 9.74
CA ARG A 236 12.92 -6.02 8.60
C ARG A 236 11.80 -6.96 9.05
N TRP A 237 10.73 -6.98 8.28
CA TRP A 237 9.57 -7.81 8.64
C TRP A 237 8.85 -8.22 7.38
N ALA A 238 7.90 -9.12 7.53
CA ALA A 238 7.10 -9.61 6.39
C ALA A 238 5.84 -8.78 6.27
N ASP A 239 5.44 -8.46 5.05
CA ASP A 239 4.19 -7.72 4.81
C ASP A 239 3.01 -8.70 4.79
N ASN A 240 2.61 -9.15 5.97
CA ASN A 240 1.50 -10.10 6.13
C ASN A 240 0.82 -9.93 7.49
N ARG A 241 -0.07 -10.84 7.85
CA ARG A 241 -0.88 -10.65 9.07
C ARG A 241 -0.02 -10.45 10.31
N THR A 242 0.95 -11.34 10.57
CA THR A 242 1.76 -11.32 11.80
C THR A 242 3.04 -10.48 11.67
N GLY A 243 3.35 -10.06 10.46
CA GLY A 243 4.69 -9.48 10.19
C GLY A 243 5.83 -10.47 10.27
N MET A 244 5.55 -11.79 10.31
CA MET A 244 6.59 -12.83 10.28
C MET A 244 6.20 -13.82 9.20
N LEU A 245 7.18 -14.23 8.39
CA LEU A 245 6.88 -15.31 7.46
C LEU A 245 6.54 -16.57 8.25
N THR A 246 5.61 -17.30 7.70
CA THR A 246 5.10 -18.50 8.37
C THR A 246 6.04 -19.67 8.08
N GLY A 247 6.80 -19.60 7.02
CA GLY A 247 7.60 -20.73 6.54
C GLY A 247 8.08 -20.46 5.13
N PRO A 248 8.71 -21.45 4.47
CA PRO A 248 9.26 -21.25 3.13
C PRO A 248 8.18 -21.09 2.03
N ASP A 249 6.94 -21.42 2.37
CA ASP A 249 5.78 -21.37 1.44
C ASP A 249 5.13 -19.98 1.48
N ASP A 250 5.66 -19.04 2.27
CA ASP A 250 5.04 -17.69 2.39
C ASP A 250 5.80 -16.75 1.47
N PRO A 251 5.16 -16.24 0.40
CA PRO A 251 5.81 -15.40 -0.61
C PRO A 251 5.74 -13.91 -0.30
N SER A 252 5.28 -13.58 0.90
CA SER A 252 5.05 -12.17 1.28
C SER A 252 6.35 -11.38 1.08
N GLN A 253 6.30 -10.12 0.58
CA GLN A 253 7.51 -9.29 0.53
C GLN A 253 8.03 -9.06 1.96
N VAL A 254 9.33 -9.12 2.09
CA VAL A 254 10.10 -8.74 3.28
C VAL A 254 10.56 -7.30 3.04
N VAL A 255 10.24 -6.44 3.96
CA VAL A 255 10.37 -4.99 3.85
C VAL A 255 11.03 -4.40 5.09
N ASP A 256 11.54 -3.19 4.96
CA ASP A 256 11.93 -2.36 6.11
C ASP A 256 11.34 -0.96 5.98
N ASN A 257 10.39 -0.78 5.09
CA ASN A 257 9.83 0.55 4.75
C ASN A 257 8.42 0.29 4.27
N LYS A 258 7.43 1.00 4.80
CA LYS A 258 6.02 0.68 4.46
C LYS A 258 5.24 1.98 4.40
N ILE A 259 4.53 2.16 3.30
CA ILE A 259 3.64 3.34 3.12
C ILE A 259 2.36 3.08 3.89
N VAL A 260 1.95 4.10 4.63
CA VAL A 260 0.78 4.03 5.53
C VAL A 260 -0.02 5.32 5.38
N GLY A 261 -1.31 5.23 5.51
CA GLY A 261 -2.17 6.40 5.59
C GLY A 261 -3.10 6.35 6.77
N PRO A 262 -3.88 7.41 6.94
CA PRO A 262 -4.77 7.52 8.08
C PRO A 262 -5.67 6.30 8.28
N ALA A 263 -5.59 5.82 9.51
CA ALA A 263 -6.30 4.64 10.13
C ALA A 263 -5.71 3.33 9.64
N ASP A 264 -4.60 3.33 8.95
CA ASP A 264 -3.88 2.07 8.71
C ASP A 264 -3.29 1.56 10.03
N SER A 265 -3.29 0.26 10.17
CA SER A 265 -2.57 -0.41 11.28
C SER A 265 -1.92 -1.68 10.76
N PHE A 266 -0.69 -1.91 11.21
CA PHE A 266 0.03 -3.16 10.96
C PHE A 266 0.91 -3.39 12.17
N GLY A 267 1.46 -4.58 12.23
CA GLY A 267 2.40 -4.90 13.29
C GLY A 267 3.35 -5.99 12.84
N PHE A 268 4.33 -6.23 13.69
CA PHE A 268 5.37 -7.22 13.39
C PHE A 268 6.13 -7.53 14.65
N GLN A 269 6.90 -8.60 14.58
CA GLN A 269 7.89 -8.91 15.63
C GLN A 269 9.23 -9.04 14.95
N VAL A 270 10.26 -8.64 15.67
CA VAL A 270 11.68 -8.85 15.24
C VAL A 270 12.41 -9.49 16.41
N ILE A 271 13.48 -10.19 16.10
CA ILE A 271 14.49 -10.57 17.11
C ILE A 271 15.50 -9.41 17.16
N ALA A 272 15.50 -8.69 18.27
CA ALA A 272 16.31 -7.47 18.41
C ALA A 272 17.78 -7.76 18.08
N GLY A 273 18.34 -6.96 17.20
CA GLY A 273 19.77 -7.08 16.80
C GLY A 273 20.07 -8.35 16.01
N GLU A 274 19.06 -9.09 15.53
CA GLU A 274 19.35 -10.36 14.83
C GLU A 274 20.19 -10.07 13.58
N GLY A 275 21.38 -10.69 13.50
CA GLY A 275 22.32 -10.56 12.37
C GLY A 275 22.96 -9.19 12.28
N VAL A 276 22.64 -8.26 13.20
CA VAL A 276 23.10 -6.85 13.08
C VAL A 276 23.79 -6.38 14.37
N GLY A 277 23.53 -7.03 15.50
CA GLY A 277 24.14 -6.64 16.79
C GLY A 277 23.42 -5.52 17.52
N ALA A 278 23.92 -5.23 18.72
CA ALA A 278 23.48 -4.11 19.56
C ALA A 278 23.67 -2.79 18.86
N GLY A 279 22.90 -1.81 19.28
CA GLY A 279 23.03 -0.48 18.71
C GLY A 279 21.85 0.40 18.99
N ALA A 280 22.01 1.68 18.74
CA ALA A 280 20.90 2.63 18.61
C ALA A 280 20.39 2.52 17.17
N TRP A 281 19.23 1.87 17.02
CA TRP A 281 18.62 1.57 15.71
C TRP A 281 17.47 2.55 15.49
N MET A 282 17.68 3.51 14.62
CA MET A 282 16.68 4.56 14.30
C MET A 282 15.41 3.95 13.72
N TYR A 283 14.27 4.48 14.11
CA TYR A 283 13.05 4.33 13.28
C TYR A 283 12.55 5.73 12.98
N HIS A 284 11.94 5.93 11.84
CA HIS A 284 11.46 7.25 11.43
C HIS A 284 10.53 7.15 10.25
N CYS A 285 9.80 8.21 10.04
CA CYS A 285 9.14 8.39 8.74
C CYS A 285 10.25 8.61 7.70
N HIS A 286 10.10 8.10 6.49
CA HIS A 286 11.12 8.29 5.44
C HIS A 286 10.70 9.36 4.45
N VAL A 287 9.56 10.03 4.64
CA VAL A 287 9.21 11.23 3.83
C VAL A 287 10.20 12.31 4.27
N GLN A 288 10.99 12.88 3.39
CA GLN A 288 12.22 13.56 3.84
C GLN A 288 11.91 14.76 4.72
N SER A 289 10.95 15.59 4.35
CA SER A 289 10.65 16.79 5.16
C SER A 289 10.15 16.32 6.53
N HIS A 290 9.43 15.18 6.62
CA HIS A 290 8.98 14.67 7.93
C HIS A 290 10.19 14.30 8.80
N SER A 291 11.10 13.49 8.28
CA SER A 291 12.26 13.03 9.05
C SER A 291 13.09 14.25 9.47
N ASP A 292 13.07 15.29 8.64
CA ASP A 292 13.92 16.51 8.83
C ASP A 292 13.36 17.38 9.96
N MET A 293 12.12 17.16 10.40
CA MET A 293 11.48 17.98 11.46
C MET A 293 11.97 17.56 12.84
N GLY A 294 12.67 16.41 12.95
CA GLY A 294 13.13 15.82 14.20
C GLY A 294 12.23 14.67 14.63
N PHE A 295 11.39 14.15 13.71
CA PHE A 295 10.34 13.11 13.99
C PHE A 295 10.96 11.71 13.78
N VAL A 296 11.66 11.31 14.85
CA VAL A 296 12.63 10.19 14.90
C VAL A 296 12.67 9.62 16.32
N GLY A 297 12.79 8.32 16.45
CA GLY A 297 13.09 7.66 17.74
C GLY A 297 14.12 6.57 17.57
N LEU A 298 14.50 5.97 18.69
CA LEU A 298 15.51 4.89 18.73
C LEU A 298 14.97 3.61 19.33
N PHE A 299 15.27 2.53 18.66
CA PHE A 299 15.16 1.16 19.19
C PHE A 299 16.54 0.87 19.75
N LEU A 300 16.64 0.99 21.06
CA LEU A 300 17.97 0.91 21.76
C LEU A 300 18.21 -0.53 22.13
N VAL A 301 19.02 -1.23 21.36
CA VAL A 301 19.24 -2.67 21.57
C VAL A 301 20.58 -2.82 22.29
N LYS A 302 20.49 -3.36 23.51
CA LYS A 302 21.66 -3.53 24.38
C LYS A 302 22.30 -4.90 24.12
N LYS A 303 23.61 -5.00 24.32
CA LYS A 303 24.24 -6.32 24.44
C LYS A 303 23.71 -7.02 25.68
N THR A 304 24.00 -8.30 25.80
CA THR A 304 23.62 -9.06 27.02
C THR A 304 24.26 -8.41 28.28
N ASP A 305 25.41 -7.75 28.17
CA ASP A 305 26.06 -7.10 29.36
C ASP A 305 25.41 -5.74 29.69
N GLY A 306 24.50 -5.25 28.84
CA GLY A 306 23.79 -3.98 29.12
C GLY A 306 24.28 -2.83 28.25
N THR A 307 25.38 -2.98 27.54
CA THR A 307 26.03 -1.86 26.82
C THR A 307 25.42 -1.66 25.44
N ILE A 308 25.51 -0.42 24.95
CA ILE A 308 25.18 -0.09 23.54
C ILE A 308 26.42 0.55 22.92
N PRO A 309 26.88 0.09 21.72
CA PRO A 309 27.87 0.84 20.94
C PRO A 309 27.61 2.34 20.94
N GLY A 310 28.51 3.12 21.51
CA GLY A 310 28.18 4.45 22.07
C GLY A 310 28.15 5.53 21.00
N GLY B 43 27.82 -18.18 1.68
CA GLY B 43 27.95 -17.42 0.39
C GLY B 43 29.40 -17.09 0.05
N GLU B 44 29.63 -16.01 -0.70
CA GLU B 44 30.97 -15.53 -1.13
C GLU B 44 31.26 -14.22 -0.41
N VAL B 45 32.53 -13.94 -0.18
CA VAL B 45 32.99 -12.61 0.30
C VAL B 45 33.40 -11.76 -0.90
N ARG B 46 32.76 -10.62 -1.09
CA ARG B 46 32.95 -9.77 -2.29
C ARG B 46 33.48 -8.41 -1.84
N ARG B 47 34.29 -7.76 -2.68
CA ARG B 47 34.88 -6.42 -2.39
C ARG B 47 34.65 -5.54 -3.58
N ILE B 48 34.21 -4.31 -3.35
CA ILE B 48 34.02 -3.33 -4.44
C ILE B 48 34.45 -1.97 -3.93
N LYS B 49 34.80 -1.11 -4.86
CA LYS B 49 35.00 0.30 -4.56
C LYS B 49 33.75 1.01 -4.99
N LEU B 50 33.44 2.07 -4.24
CA LEU B 50 32.35 2.99 -4.56
C LEU B 50 32.85 4.40 -4.26
N TYR B 51 32.42 5.33 -5.09
CA TYR B 51 32.79 6.76 -4.97
C TYR B 51 31.51 7.56 -4.95
N ALA B 52 31.50 8.61 -4.12
CA ALA B 52 30.48 9.66 -4.25
C ALA B 52 31.17 10.85 -4.93
N GLU B 53 30.56 11.38 -5.97
CA GLU B 53 31.13 12.51 -6.76
C GLU B 53 30.08 13.55 -7.08
N ARG B 54 30.47 14.83 -7.04
CA ARG B 54 29.64 15.93 -7.54
C ARG B 54 29.59 15.80 -9.06
N LEU B 55 28.44 16.01 -9.66
CA LEU B 55 28.21 15.89 -11.11
C LEU B 55 27.72 17.23 -11.66
N ALA B 56 27.64 17.36 -12.99
CA ALA B 56 27.05 18.51 -13.70
C ALA B 56 25.63 18.80 -13.22
N ASP B 57 25.29 20.09 -13.16
CA ASP B 57 23.93 20.63 -12.88
C ASP B 57 23.61 20.43 -11.40
N GLY B 58 24.65 20.50 -10.56
CA GLY B 58 24.56 20.46 -9.09
C GLY B 58 24.11 19.08 -8.60
N GLN B 59 24.41 18.03 -9.35
CA GLN B 59 23.98 16.65 -8.96
C GLN B 59 25.13 15.97 -8.22
N MET B 60 24.81 14.81 -7.63
CA MET B 60 25.78 13.99 -6.89
C MET B 60 25.39 12.56 -7.22
N GLY B 61 26.35 11.75 -7.54
CA GLY B 61 26.14 10.34 -7.88
C GLY B 61 27.18 9.44 -7.25
N TYR B 62 26.81 8.17 -7.14
CA TYR B 62 27.71 7.08 -6.79
C TYR B 62 28.20 6.44 -8.10
N GLY B 63 29.44 6.00 -8.08
CA GLY B 63 30.04 5.26 -9.20
C GLY B 63 31.01 4.21 -8.73
N LEU B 64 31.25 3.24 -9.61
CA LEU B 64 32.20 2.15 -9.34
C LEU B 64 33.62 2.60 -9.74
N GLU B 65 33.73 3.65 -10.55
CA GLU B 65 35.02 4.31 -10.95
C GLU B 65 34.85 5.84 -10.87
N LYS B 66 35.92 6.59 -10.57
CA LYS B 66 35.88 8.09 -10.64
C LYS B 66 35.52 8.54 -12.05
N GLY B 67 34.63 9.53 -12.14
CA GLY B 67 34.02 10.07 -13.37
C GLY B 67 33.16 9.08 -14.13
N ARG B 68 32.69 8.01 -13.47
CA ARG B 68 31.66 7.12 -14.04
C ARG B 68 30.47 7.07 -13.07
N ALA B 69 30.27 8.09 -12.24
CA ALA B 69 29.08 8.14 -11.36
C ALA B 69 27.83 8.23 -12.22
N THR B 70 26.72 7.61 -11.78
CA THR B 70 25.46 7.53 -12.52
C THR B 70 24.36 7.77 -11.47
N ILE B 71 23.27 8.29 -11.96
CA ILE B 71 22.02 8.43 -11.18
C ILE B 71 20.94 7.71 -11.96
N PRO B 72 20.36 6.61 -11.44
CA PRO B 72 20.77 6.00 -10.19
C PRO B 72 22.19 5.45 -10.20
N GLY B 73 22.71 5.19 -9.02
CA GLY B 73 24.01 4.55 -8.84
C GLY B 73 24.05 3.13 -9.40
N PRO B 74 25.23 2.51 -9.34
CA PRO B 74 25.39 1.18 -9.89
C PRO B 74 24.49 0.16 -9.19
N LEU B 75 24.03 -0.80 -9.97
CA LEU B 75 23.30 -1.98 -9.45
C LEU B 75 24.23 -2.90 -8.69
N ILE B 76 23.91 -3.15 -7.43
CA ILE B 76 24.66 -4.12 -6.59
C ILE B 76 23.82 -5.39 -6.49
N GLU B 77 24.42 -6.52 -6.82
CA GLU B 77 23.65 -7.79 -6.85
C GLU B 77 24.37 -8.76 -5.93
N LEU B 78 23.64 -9.37 -5.01
CA LEU B 78 24.22 -10.37 -4.07
C LEU B 78 23.29 -11.57 -4.00
N ASN B 79 23.82 -12.72 -3.63
CA ASN B 79 23.03 -13.91 -3.28
C ASN B 79 22.98 -14.03 -1.78
N GLU B 80 21.86 -14.47 -1.25
CA GLU B 80 21.77 -14.69 0.21
C GLU B 80 22.97 -15.48 0.77
N GLY B 81 23.57 -14.95 1.82
CA GLY B 81 24.78 -15.49 2.45
C GLY B 81 26.02 -14.72 2.06
N ASP B 82 26.01 -14.01 0.94
CA ASP B 82 27.18 -13.21 0.50
C ASP B 82 27.44 -12.11 1.51
N THR B 83 28.71 -11.75 1.65
CA THR B 83 29.16 -10.57 2.40
C THR B 83 29.74 -9.60 1.39
N LEU B 84 29.41 -8.33 1.49
CA LEU B 84 30.02 -7.32 0.58
C LEU B 84 30.75 -6.26 1.40
N HIS B 85 32.04 -6.04 1.08
CA HIS B 85 32.84 -4.94 1.66
C HIS B 85 32.93 -3.84 0.61
N ILE B 86 32.44 -2.65 0.94
CA ILE B 86 32.42 -1.50 0.01
C ILE B 86 33.45 -0.49 0.53
N GLU B 87 34.52 -0.36 -0.25
CA GLU B 87 35.57 0.64 0.01
C GLU B 87 35.07 1.95 -0.60
N PHE B 88 34.45 2.77 0.23
CA PHE B 88 33.71 3.96 -0.17
C PHE B 88 34.62 5.17 -0.04
N GLU B 89 34.78 5.89 -1.13
CA GLU B 89 35.51 7.19 -1.09
C GLU B 89 34.56 8.34 -1.38
N ASN B 90 34.53 9.25 -0.43
CA ASN B 90 33.77 10.50 -0.55
C ASN B 90 34.68 11.53 -1.21
N THR B 91 34.51 11.77 -2.50
CA THR B 91 35.42 12.69 -3.27
C THR B 91 34.92 14.10 -3.10
N MET B 92 33.81 14.30 -2.38
CA MET B 92 33.17 15.63 -2.33
C MET B 92 33.76 16.45 -1.17
N ASP B 93 33.30 17.69 -1.11
CA ASP B 93 33.78 18.74 -0.17
C ASP B 93 32.82 18.87 1.01
N VAL B 94 31.79 17.99 1.10
CA VAL B 94 30.84 17.92 2.24
C VAL B 94 30.83 16.46 2.70
N ARG B 95 30.48 16.24 3.98
CA ARG B 95 30.33 14.86 4.50
C ARG B 95 29.28 14.13 3.67
N ALA B 96 29.48 12.83 3.49
CA ALA B 96 28.54 11.97 2.75
C ALA B 96 28.58 10.57 3.37
N SER B 97 27.58 9.76 3.06
CA SER B 97 27.53 8.40 3.62
C SER B 97 26.88 7.43 2.62
N LEU B 98 26.96 6.17 3.02
CA LEU B 98 26.26 5.05 2.37
C LEU B 98 25.45 4.31 3.42
N HIS B 99 24.13 4.28 3.21
CA HIS B 99 23.15 3.59 4.08
C HIS B 99 22.35 2.63 3.19
N VAL B 100 22.10 1.41 3.65
CA VAL B 100 21.39 0.41 2.84
C VAL B 100 20.11 -0.01 3.58
N HIS B 101 19.08 -0.25 2.79
CA HIS B 101 17.84 -0.89 3.25
C HIS B 101 17.98 -2.41 3.17
N GLY B 102 17.35 -3.14 4.09
CA GLY B 102 17.09 -4.56 3.92
C GLY B 102 18.21 -5.45 4.42
N LEU B 103 19.46 -5.11 4.12
CA LEU B 103 20.56 -6.04 4.32
C LEU B 103 20.99 -6.00 5.80
N ASP B 104 21.85 -6.96 6.16
CA ASP B 104 22.39 -7.04 7.53
C ASP B 104 23.59 -6.10 7.58
N TYR B 105 23.61 -5.18 8.52
CA TYR B 105 24.78 -4.31 8.72
C TYR B 105 24.82 -3.99 10.21
N GLU B 106 26.02 -3.80 10.72
CA GLU B 106 26.23 -3.35 12.11
C GLU B 106 26.13 -1.83 12.18
N VAL B 107 26.04 -1.26 13.38
CA VAL B 107 25.87 0.20 13.52
C VAL B 107 27.07 0.93 12.88
N SER B 108 28.25 0.29 12.85
CA SER B 108 29.47 0.89 12.25
C SER B 108 29.29 1.04 10.72
N SER B 109 28.29 0.39 10.12
CA SER B 109 27.95 0.58 8.69
C SER B 109 26.53 1.16 8.52
N ASP B 110 26.00 1.85 9.54
CA ASP B 110 24.67 2.50 9.48
C ASP B 110 24.71 3.63 8.46
N GLY B 111 25.85 4.31 8.31
CA GLY B 111 25.93 5.46 7.41
C GLY B 111 25.30 6.71 7.98
N THR B 112 25.25 6.86 9.30
CA THR B 112 24.58 8.01 9.95
C THR B 112 25.55 8.76 10.88
N THR B 113 25.24 10.02 11.18
CA THR B 113 25.98 10.80 12.22
C THR B 113 25.77 10.14 13.58
N LEU B 114 24.54 9.68 13.87
CA LEU B 114 24.21 9.03 15.15
C LEU B 114 25.22 7.92 15.44
N ASN B 115 25.56 7.10 14.44
CA ASN B 115 26.42 5.93 14.63
C ASN B 115 27.81 6.17 13.99
N LYS B 116 28.17 7.45 13.86
CA LYS B 116 29.56 7.92 13.57
C LYS B 116 30.10 7.14 12.38
N SER B 117 29.25 6.93 11.37
CA SER B 117 29.62 6.09 10.22
C SER B 117 29.32 6.83 8.93
N ASP B 118 29.37 8.16 8.93
CA ASP B 118 29.47 8.91 7.68
C ASP B 118 30.96 9.15 7.37
N VAL B 119 31.21 9.90 6.32
CA VAL B 119 32.59 10.02 5.78
C VAL B 119 32.90 11.51 5.60
N GLU B 120 34.05 11.90 6.17
CA GLU B 120 34.54 13.29 6.09
C GLU B 120 34.82 13.61 4.63
N PRO B 121 34.82 14.89 4.22
CA PRO B 121 35.14 15.24 2.83
C PRO B 121 36.51 14.67 2.42
N GLY B 122 36.56 14.08 1.22
CA GLY B 122 37.74 13.41 0.66
C GLY B 122 38.09 12.12 1.36
N GLY B 123 37.30 11.70 2.35
CA GLY B 123 37.61 10.53 3.19
C GLY B 123 37.22 9.20 2.56
N THR B 124 37.69 8.12 3.16
CA THR B 124 37.40 6.73 2.76
C THR B 124 36.87 6.00 3.99
N ARG B 125 35.92 5.11 3.78
CA ARG B 125 35.43 4.21 4.86
C ARG B 125 34.99 2.91 4.18
N THR B 126 35.30 1.77 4.80
CA THR B 126 34.83 0.44 4.32
C THR B 126 33.54 0.12 5.08
N TYR B 127 32.45 0.05 4.32
CA TYR B 127 31.13 -0.43 4.80
C TYR B 127 31.06 -1.92 4.57
N THR B 128 30.37 -2.65 5.44
CA THR B 128 30.16 -4.10 5.28
C THR B 128 28.66 -4.39 5.33
N TRP B 129 28.18 -5.00 4.26
CA TRP B 129 26.80 -5.50 4.15
C TRP B 129 26.89 -7.02 4.20
N ARG B 130 26.09 -7.64 5.05
CA ARG B 130 25.97 -9.10 5.09
C ARG B 130 24.54 -9.44 4.63
N THR B 131 24.37 -10.68 4.28
CA THR B 131 23.05 -11.21 3.90
C THR B 131 22.92 -12.60 4.51
N HIS B 132 21.71 -13.09 4.68
CA HIS B 132 21.48 -14.45 5.19
C HIS B 132 20.35 -15.10 4.40
N ALA B 133 20.40 -16.42 4.31
CA ALA B 133 19.31 -17.24 3.79
C ALA B 133 18.25 -17.41 4.87
N PRO B 134 17.01 -17.76 4.48
CA PRO B 134 15.99 -18.04 5.46
C PRO B 134 16.26 -19.40 6.13
N GLY B 135 15.60 -19.62 7.26
CA GLY B 135 15.59 -20.96 7.87
C GLY B 135 14.94 -20.93 9.22
N ARG B 136 14.63 -22.09 9.74
CA ARG B 136 14.00 -22.24 11.05
C ARG B 136 15.02 -21.85 12.10
N ARG B 137 14.55 -21.12 13.09
CA ARG B 137 15.32 -20.88 14.32
C ARG B 137 15.20 -22.09 15.24
N SER B 138 16.00 -22.10 16.29
CA SER B 138 15.98 -23.19 17.31
C SER B 138 14.57 -23.33 17.91
N ASP B 139 13.81 -22.23 18.04
CA ASP B 139 12.45 -22.31 18.65
C ASP B 139 11.39 -22.64 17.61
N GLY B 140 11.76 -22.95 16.37
CA GLY B 140 10.85 -23.40 15.30
C GLY B 140 10.19 -22.26 14.53
N THR B 141 10.42 -21.02 14.87
CA THR B 141 9.98 -19.88 14.03
C THR B 141 10.81 -19.80 12.76
N TRP B 142 10.28 -19.14 11.72
CA TRP B 142 10.96 -19.03 10.43
C TRP B 142 11.62 -17.69 10.33
N ARG B 143 12.95 -17.68 10.24
CA ARG B 143 13.72 -16.43 9.99
C ARG B 143 13.65 -16.10 8.50
N ALA B 144 13.10 -14.94 8.19
CA ALA B 144 13.07 -14.42 6.81
C ALA B 144 14.49 -14.12 6.37
N GLY B 145 14.73 -14.44 5.13
CA GLY B 145 16.02 -14.18 4.51
C GLY B 145 16.15 -12.74 4.08
N SER B 146 17.34 -12.40 3.58
CA SER B 146 17.65 -11.05 3.06
C SER B 146 17.05 -10.78 1.68
N ALA B 147 16.68 -11.79 0.90
CA ALA B 147 16.37 -11.63 -0.53
C ALA B 147 15.29 -10.57 -0.72
N GLY B 148 15.45 -9.75 -1.74
CA GLY B 148 14.45 -8.75 -2.07
C GLY B 148 15.02 -7.67 -2.94
N TYR B 149 14.16 -6.74 -3.30
CA TYR B 149 14.52 -5.53 -4.03
C TYR B 149 14.76 -4.41 -3.01
N TRP B 150 16.00 -3.98 -2.89
CA TRP B 150 16.43 -2.99 -1.89
C TRP B 150 17.18 -1.85 -2.56
N HIS B 151 17.77 -0.99 -1.75
CA HIS B 151 18.38 0.23 -2.26
C HIS B 151 19.32 0.79 -1.21
N TYR B 152 20.23 1.64 -1.67
CA TYR B 152 21.23 2.35 -0.83
C TYR B 152 21.13 3.84 -1.18
N HIS B 153 21.43 4.68 -0.22
CA HIS B 153 21.42 6.13 -0.40
C HIS B 153 22.25 6.83 0.66
N ASP B 154 22.48 8.10 0.41
CA ASP B 154 23.17 8.99 1.37
C ASP B 154 22.25 9.34 2.54
N HIS B 155 22.82 9.52 3.72
CA HIS B 155 22.09 9.85 4.97
C HIS B 155 22.62 11.11 5.63
N VAL B 156 23.54 11.87 5.02
CA VAL B 156 24.11 13.05 5.75
C VAL B 156 24.27 14.28 4.86
N VAL B 157 24.02 14.23 3.55
CA VAL B 157 24.15 15.45 2.71
C VAL B 157 22.88 16.30 2.87
N GLY B 158 23.05 17.58 3.23
CA GLY B 158 21.95 18.55 3.32
C GLY B 158 21.29 18.50 4.67
N THR B 159 20.91 17.30 5.12
CA THR B 159 20.33 17.04 6.46
C THR B 159 20.86 15.71 6.97
N GLU B 160 20.61 15.45 8.22
CA GLU B 160 21.01 14.19 8.92
C GLU B 160 20.09 13.04 8.47
N HIS B 161 19.22 13.27 7.48
CA HIS B 161 18.47 12.17 6.79
C HIS B 161 18.79 12.15 5.29
N GLY B 162 19.81 12.86 4.86
CA GLY B 162 20.29 12.79 3.48
C GLY B 162 19.36 13.45 2.49
N THR B 163 18.55 14.40 2.93
CA THR B 163 17.57 15.03 2.04
C THR B 163 18.27 15.65 0.83
N GLY B 164 19.38 16.39 1.03
CA GLY B 164 20.10 17.01 -0.11
C GLY B 164 20.76 15.96 -1.01
N GLY B 165 21.36 14.94 -0.39
CA GLY B 165 22.09 13.89 -1.09
C GLY B 165 21.14 13.10 -1.98
N ILE B 166 20.01 12.70 -1.41
CA ILE B 166 18.96 12.00 -2.18
C ILE B 166 18.42 12.86 -3.30
N ARG B 167 18.03 14.11 -3.03
CA ARG B 167 17.56 15.02 -4.11
C ARG B 167 18.57 15.09 -5.25
N LYS B 168 19.84 15.18 -4.92
CA LYS B 168 20.87 15.43 -5.95
C LYS B 168 21.28 14.15 -6.67
N GLY B 169 20.89 12.97 -6.19
CA GLY B 169 21.15 11.74 -6.96
C GLY B 169 21.87 10.62 -6.22
N LEU B 170 22.16 10.74 -4.92
CA LEU B 170 22.90 9.70 -4.18
C LEU B 170 21.91 8.59 -3.78
N TYR B 171 21.52 7.81 -4.77
CA TYR B 171 20.67 6.62 -4.56
C TYR B 171 21.03 5.58 -5.61
N GLY B 172 20.86 4.30 -5.25
CA GLY B 172 20.98 3.23 -6.23
C GLY B 172 20.32 1.96 -5.74
N PRO B 173 20.21 0.98 -6.64
CA PRO B 173 19.53 -0.27 -6.34
C PRO B 173 20.44 -1.39 -5.84
N VAL B 174 19.87 -2.24 -4.99
CA VAL B 174 20.49 -3.51 -4.52
C VAL B 174 19.47 -4.61 -4.73
N ILE B 175 19.89 -5.70 -5.34
CA ILE B 175 19.08 -6.94 -5.46
C ILE B 175 19.79 -8.01 -4.65
N VAL B 176 19.06 -8.68 -3.78
CA VAL B 176 19.57 -9.89 -3.10
C VAL B 176 18.72 -11.06 -3.57
N ARG B 177 19.37 -12.07 -4.13
CA ARG B 177 18.66 -13.21 -4.71
C ARG B 177 18.72 -14.37 -3.73
N ARG B 178 17.67 -15.18 -3.80
CA ARG B 178 17.57 -16.51 -3.17
C ARG B 178 18.02 -17.58 -4.14
N LYS B 179 18.62 -18.62 -3.59
CA LYS B 179 18.91 -19.87 -4.34
C LYS B 179 17.66 -20.29 -5.12
N GLY B 180 17.83 -20.48 -6.43
CA GLY B 180 16.77 -20.97 -7.33
C GLY B 180 15.93 -19.85 -7.90
N ASP B 181 16.21 -18.60 -7.55
CA ASP B 181 15.44 -17.49 -8.14
C ASP B 181 15.68 -17.45 -9.66
N VAL B 182 14.64 -17.08 -10.40
CA VAL B 182 14.65 -16.91 -11.86
C VAL B 182 15.48 -15.67 -12.18
N LEU B 183 16.46 -15.80 -13.07
CA LEU B 183 17.40 -14.71 -13.41
C LEU B 183 16.97 -14.09 -14.74
N PRO B 184 17.06 -12.76 -14.88
CA PRO B 184 16.55 -12.10 -16.06
C PRO B 184 17.59 -11.93 -17.17
N ASP B 185 17.12 -11.54 -18.35
CA ASP B 185 18.01 -11.16 -19.47
C ASP B 185 18.55 -9.73 -19.26
N ALA B 186 17.80 -8.86 -18.57
CA ALA B 186 18.24 -7.47 -18.35
C ALA B 186 17.50 -6.97 -17.12
N THR B 187 18.12 -6.00 -16.48
CA THR B 187 17.58 -5.30 -15.29
C THR B 187 17.59 -3.79 -15.54
N HIS B 188 16.44 -3.15 -15.35
CA HIS B 188 16.28 -1.69 -15.48
C HIS B 188 15.81 -1.13 -14.15
N THR B 189 16.38 -0.01 -13.74
CA THR B 189 16.04 0.64 -12.47
C THR B 189 15.29 1.93 -12.79
N ILE B 190 14.14 2.08 -12.14
CA ILE B 190 13.28 3.29 -12.27
C ILE B 190 13.10 3.89 -10.87
N VAL B 191 13.53 5.15 -10.70
CA VAL B 191 13.47 5.83 -9.39
C VAL B 191 12.59 7.06 -9.57
N PHE B 192 11.49 7.10 -8.84
CA PHE B 192 10.66 8.31 -8.70
C PHE B 192 11.27 9.12 -7.57
N ASN B 193 12.01 10.17 -7.92
CA ASN B 193 12.69 11.02 -6.92
C ASN B 193 12.02 12.39 -6.94
N ASP B 194 11.20 12.68 -5.94
CA ASP B 194 10.29 13.85 -5.96
C ASP B 194 9.50 13.73 -7.25
N MET B 195 9.57 14.70 -8.15
CA MET B 195 8.78 14.66 -9.41
C MET B 195 9.61 14.15 -10.59
N LEU B 196 10.88 13.79 -10.38
CA LEU B 196 11.81 13.37 -11.46
C LEU B 196 11.78 11.85 -11.60
N ILE B 197 12.14 11.35 -12.79
CA ILE B 197 12.47 9.92 -12.95
C ILE B 197 13.96 9.82 -13.12
N ASN B 198 14.69 9.14 -12.23
CA ASN B 198 16.17 8.99 -12.36
C ASN B 198 16.83 10.37 -12.49
N ASN B 199 16.20 11.41 -11.94
CA ASN B 199 16.72 12.80 -11.92
C ASN B 199 16.80 13.34 -13.35
N ARG B 200 16.03 12.79 -14.29
CA ARG B 200 15.88 13.41 -15.64
C ARG B 200 14.79 14.49 -15.57
N PRO B 201 14.89 15.59 -16.34
CA PRO B 201 13.78 16.55 -16.43
C PRO B 201 12.54 15.98 -17.14
N ALA B 202 11.42 16.71 -17.08
CA ALA B 202 10.14 16.38 -17.77
C ALA B 202 10.41 15.96 -19.22
N HIS B 203 9.77 14.87 -19.67
CA HIS B 203 9.78 14.38 -21.07
C HIS B 203 11.20 14.05 -21.54
N SER B 204 11.99 13.35 -20.71
CA SER B 204 13.38 12.92 -20.99
C SER B 204 13.55 11.41 -20.74
N GLY B 205 12.50 10.61 -20.95
CA GLY B 205 12.47 9.16 -20.66
C GLY B 205 12.60 8.89 -19.16
N PRO B 206 13.47 7.95 -18.72
CA PRO B 206 14.25 7.07 -19.61
C PRO B 206 13.43 5.98 -20.32
N ASN B 207 13.92 5.57 -21.49
CA ASN B 207 13.36 4.44 -22.25
C ASN B 207 14.22 3.23 -22.04
N PHE B 208 13.61 2.05 -22.09
CA PHE B 208 14.32 0.75 -21.98
C PHE B 208 13.89 -0.11 -23.16
N GLU B 209 14.88 -0.71 -23.83
CA GLU B 209 14.65 -1.54 -25.02
C GLU B 209 14.71 -3.00 -24.63
N ALA B 210 13.84 -3.79 -25.25
CA ALA B 210 13.87 -5.26 -25.21
C ALA B 210 13.37 -5.81 -26.54
N THR B 211 13.52 -7.11 -26.70
CA THR B 211 12.88 -7.94 -27.76
C THR B 211 11.75 -8.77 -27.16
N VAL B 212 10.68 -8.96 -27.91
CA VAL B 212 9.53 -9.82 -27.53
C VAL B 212 10.12 -11.11 -26.97
N GLY B 213 9.68 -11.55 -25.79
CA GLY B 213 10.15 -12.80 -25.21
C GLY B 213 11.26 -12.62 -24.18
N ASP B 214 11.93 -11.49 -24.12
CA ASP B 214 13.03 -11.28 -23.17
C ASP B 214 12.41 -11.35 -21.77
N ARG B 215 13.16 -11.91 -20.83
CA ARG B 215 12.83 -11.79 -19.39
C ARG B 215 13.47 -10.51 -18.85
N VAL B 216 12.63 -9.51 -18.53
CA VAL B 216 13.06 -8.15 -18.19
C VAL B 216 12.67 -7.89 -16.74
N GLU B 217 13.66 -7.55 -15.95
CA GLU B 217 13.47 -7.20 -14.52
C GLU B 217 13.46 -5.69 -14.37
N PHE B 218 12.53 -5.21 -13.55
CA PHE B 218 12.46 -3.79 -13.16
C PHE B 218 12.67 -3.70 -11.65
N VAL B 219 13.47 -2.73 -11.26
CA VAL B 219 13.66 -2.37 -9.82
C VAL B 219 13.03 -0.99 -9.68
N MET B 220 12.10 -0.81 -8.75
CA MET B 220 11.32 0.43 -8.70
C MET B 220 11.48 1.03 -7.29
N ILE B 221 12.14 2.16 -7.20
CA ILE B 221 12.51 2.82 -5.93
C ILE B 221 11.87 4.20 -5.95
N THR B 222 11.44 4.66 -4.79
CA THR B 222 10.85 6.00 -4.63
C THR B 222 11.60 6.75 -3.55
N HIS B 223 11.75 8.06 -3.73
CA HIS B 223 12.47 8.93 -2.77
C HIS B 223 11.82 10.29 -2.73
N GLY B 224 12.04 11.01 -1.63
CA GLY B 224 11.70 12.43 -1.57
C GLY B 224 10.51 12.72 -0.72
N GLU B 225 9.61 13.52 -1.27
CA GLU B 225 8.51 14.17 -0.51
C GLU B 225 7.18 13.54 -0.81
N TYR B 226 7.02 12.94 -2.01
CA TYR B 226 5.67 12.68 -2.56
C TYR B 226 5.37 11.19 -2.64
N TYR B 227 4.09 10.85 -2.49
CA TYR B 227 3.59 9.55 -2.95
C TYR B 227 3.45 9.55 -4.48
N HIS B 228 3.52 8.38 -5.06
CA HIS B 228 3.35 8.15 -6.50
C HIS B 228 2.53 6.88 -6.71
N THR B 229 2.08 6.63 -7.92
CA THR B 229 1.56 5.29 -8.30
C THR B 229 2.28 4.91 -9.58
N PHE B 230 2.99 3.81 -9.53
CA PHE B 230 3.77 3.29 -10.68
C PHE B 230 2.87 2.41 -11.54
N HIS B 231 2.80 2.73 -12.83
CA HIS B 231 1.94 2.03 -13.81
C HIS B 231 2.74 1.68 -15.05
N MET B 232 2.57 0.47 -15.53
CA MET B 232 3.18 -0.02 -16.78
C MET B 232 2.07 -0.55 -17.68
N HIS B 233 1.97 -0.02 -18.91
CA HIS B 233 1.04 -0.52 -19.95
C HIS B 233 1.48 -1.89 -20.44
N GLY B 234 0.49 -2.74 -20.63
CA GLY B 234 0.62 -4.00 -21.38
C GLY B 234 1.25 -5.10 -20.57
N HIS B 235 1.60 -4.83 -19.31
CA HIS B 235 2.35 -5.79 -18.47
C HIS B 235 1.77 -5.76 -17.07
N ARG B 236 2.03 -6.81 -16.30
CA ARG B 236 1.53 -6.87 -14.92
C ARG B 236 2.48 -7.75 -14.12
N TRP B 237 2.35 -7.71 -12.79
CA TRP B 237 3.26 -8.50 -11.94
C TRP B 237 2.54 -8.82 -10.65
N ALA B 238 3.18 -9.63 -9.81
CA ALA B 238 2.57 -10.06 -8.52
C ALA B 238 3.08 -9.21 -7.39
N ASP B 239 2.20 -8.89 -6.47
CA ASP B 239 2.57 -8.02 -5.35
C ASP B 239 3.16 -8.90 -4.24
N ASN B 240 4.39 -9.37 -4.45
CA ASN B 240 5.08 -10.27 -3.51
C ASN B 240 6.58 -10.04 -3.61
N ARG B 241 7.35 -10.90 -2.98
CA ARG B 241 8.82 -10.67 -2.89
C ARG B 241 9.44 -10.53 -4.27
N THR B 242 9.20 -11.47 -5.20
CA THR B 242 9.94 -11.51 -6.49
C THR B 242 9.16 -10.81 -7.60
N GLY B 243 7.90 -10.43 -7.37
CA GLY B 243 7.04 -9.89 -8.43
C GLY B 243 6.52 -10.96 -9.35
N MET B 244 6.71 -12.24 -9.00
CA MET B 244 6.21 -13.38 -9.79
C MET B 244 5.51 -14.35 -8.84
N LEU B 245 4.43 -14.95 -9.30
CA LEU B 245 3.73 -15.90 -8.44
C LEU B 245 4.58 -17.16 -8.29
N THR B 246 4.56 -17.74 -7.09
CA THR B 246 5.37 -18.94 -6.81
C THR B 246 4.80 -20.16 -7.51
N GLY B 247 3.52 -20.14 -7.89
CA GLY B 247 2.77 -21.23 -8.52
C GLY B 247 1.30 -21.04 -8.17
N PRO B 248 0.44 -22.09 -8.29
CA PRO B 248 -0.99 -21.96 -8.03
C PRO B 248 -1.47 -21.73 -6.60
N ASP B 249 -0.61 -21.86 -5.60
CA ASP B 249 -0.98 -21.64 -4.18
C ASP B 249 -0.70 -20.21 -3.75
N ASP B 250 -0.19 -19.34 -4.63
CA ASP B 250 0.21 -17.97 -4.21
C ASP B 250 -0.95 -17.01 -4.45
N PRO B 251 -1.57 -16.46 -3.39
CA PRO B 251 -2.79 -15.67 -3.53
C PRO B 251 -2.49 -14.19 -3.72
N SER B 252 -1.23 -13.84 -3.92
CA SER B 252 -0.80 -12.42 -4.08
C SER B 252 -1.63 -11.74 -5.17
N GLN B 253 -1.98 -10.48 -4.95
CA GLN B 253 -2.71 -9.75 -5.99
C GLN B 253 -1.79 -9.59 -7.21
N VAL B 254 -2.35 -9.71 -8.39
CA VAL B 254 -1.66 -9.36 -9.65
C VAL B 254 -2.11 -7.96 -10.02
N VAL B 255 -1.15 -7.10 -10.26
CA VAL B 255 -1.33 -5.63 -10.35
C VAL B 255 -0.64 -5.09 -11.59
N ASP B 256 -1.04 -3.91 -12.02
CA ASP B 256 -0.18 -3.13 -12.96
C ASP B 256 -0.02 -1.70 -12.49
N ASN B 257 -0.38 -1.44 -11.25
CA ASN B 257 -0.42 -0.08 -10.68
C ASN B 257 -0.10 -0.28 -9.19
N LYS B 258 0.83 0.49 -8.66
CA LYS B 258 1.23 0.33 -7.24
C LYS B 258 1.50 1.68 -6.60
N ILE B 259 0.88 1.93 -5.45
CA ILE B 259 1.19 3.11 -4.62
C ILE B 259 2.52 2.91 -3.91
N VAL B 260 3.39 3.95 -3.98
CA VAL B 260 4.75 3.92 -3.39
C VAL B 260 5.02 5.28 -2.74
N GLY B 261 5.81 5.23 -1.69
CA GLY B 261 6.26 6.44 -1.01
C GLY B 261 7.76 6.44 -0.83
N PRO B 262 8.28 7.53 -0.28
CA PRO B 262 9.72 7.67 -0.08
C PRO B 262 10.31 6.46 0.66
N ALA B 263 11.36 5.93 0.04
CA ALA B 263 12.19 4.78 0.42
C ALA B 263 11.52 3.44 0.18
N ASP B 264 10.36 3.40 -0.50
CA ASP B 264 9.78 2.09 -0.89
C ASP B 264 10.66 1.50 -1.98
N SER B 265 10.82 0.20 -1.97
CA SER B 265 11.42 -0.52 -3.11
C SER B 265 10.66 -1.81 -3.37
N PHE B 266 10.47 -2.11 -4.64
CA PHE B 266 9.92 -3.40 -5.07
C PHE B 266 10.50 -3.70 -6.44
N GLY B 267 10.26 -4.91 -6.90
CA GLY B 267 10.68 -5.21 -8.29
C GLY B 267 9.94 -6.38 -8.78
N PHE B 268 10.14 -6.69 -10.06
CA PHE B 268 9.39 -7.77 -10.71
C PHE B 268 10.11 -8.09 -12.00
N GLN B 269 9.71 -9.21 -12.58
CA GLN B 269 10.12 -9.57 -13.95
C GLN B 269 8.89 -9.79 -14.82
N VAL B 270 9.00 -9.40 -16.08
CA VAL B 270 7.93 -9.69 -17.06
C VAL B 270 8.62 -10.40 -18.24
N ILE B 271 7.81 -11.14 -18.99
CA ILE B 271 8.20 -11.54 -20.38
C ILE B 271 7.71 -10.42 -21.29
N ALA B 272 8.64 -9.71 -21.94
CA ALA B 272 8.41 -8.54 -22.79
C ALA B 272 7.42 -8.89 -23.89
N GLY B 273 6.29 -8.21 -23.90
CA GLY B 273 5.24 -8.39 -24.91
C GLY B 273 4.43 -9.65 -24.74
N GLU B 274 4.57 -10.38 -23.62
CA GLU B 274 3.82 -11.63 -23.40
C GLU B 274 2.32 -11.37 -23.52
N GLY B 275 1.68 -12.01 -24.50
CA GLY B 275 0.25 -11.91 -24.75
C GLY B 275 -0.20 -10.55 -25.32
N VAL B 276 0.71 -9.62 -25.58
CA VAL B 276 0.35 -8.24 -25.97
C VAL B 276 1.13 -7.76 -27.21
N GLY B 277 2.26 -8.39 -27.52
CA GLY B 277 3.05 -8.12 -28.72
C GLY B 277 4.03 -6.99 -28.55
N ALA B 278 4.82 -6.74 -29.59
CA ALA B 278 5.78 -5.63 -29.68
C ALA B 278 5.03 -4.30 -29.59
N GLY B 279 5.69 -3.25 -29.13
CA GLY B 279 5.03 -1.98 -28.82
C GLY B 279 5.89 -1.00 -28.03
N ALA B 280 5.56 0.30 -28.16
CA ALA B 280 6.02 1.36 -27.24
C ALA B 280 5.05 1.30 -26.05
N TRP B 281 5.49 0.64 -25.00
CA TRP B 281 4.66 0.41 -23.80
C TRP B 281 5.02 1.45 -22.73
N MET B 282 4.14 2.41 -22.49
CA MET B 282 4.43 3.52 -21.54
C MET B 282 4.49 2.96 -20.11
N TYR B 283 5.37 3.53 -19.31
CA TYR B 283 5.33 3.41 -17.84
C TYR B 283 5.29 4.86 -17.36
N HIS B 284 4.58 5.12 -16.28
CA HIS B 284 4.51 6.49 -15.75
C HIS B 284 3.87 6.44 -14.37
N CYS B 285 3.96 7.56 -13.70
CA CYS B 285 3.16 7.79 -12.48
C CYS B 285 1.73 8.00 -12.92
N HIS B 286 0.75 7.44 -12.19
CA HIS B 286 -0.67 7.61 -12.60
C HIS B 286 -1.35 8.73 -11.79
N VAL B 287 -0.61 9.39 -10.90
CA VAL B 287 -1.13 10.62 -10.24
C VAL B 287 -1.29 11.65 -11.37
N GLN B 288 -2.50 12.12 -11.64
CA GLN B 288 -2.77 12.77 -12.97
C GLN B 288 -1.88 14.01 -13.16
N SER B 289 -1.69 14.88 -12.17
CA SER B 289 -0.78 16.07 -12.32
C SER B 289 0.65 15.63 -12.63
N HIS B 290 1.09 14.51 -12.08
CA HIS B 290 2.48 14.01 -12.31
C HIS B 290 2.61 13.53 -13.76
N SER B 291 1.66 12.73 -14.25
CA SER B 291 1.70 12.17 -15.64
C SER B 291 1.60 13.32 -16.66
N ASP B 292 0.91 14.40 -16.30
CA ASP B 292 0.60 15.56 -17.20
C ASP B 292 1.81 16.48 -17.28
N MET B 293 2.81 16.28 -16.43
CA MET B 293 4.04 17.12 -16.45
C MET B 293 5.04 16.56 -17.45
N GLY B 294 4.72 15.40 -18.06
CA GLY B 294 5.52 14.72 -19.11
C GLY B 294 6.37 13.61 -18.55
N PHE B 295 6.22 13.30 -17.25
CA PHE B 295 7.06 12.33 -16.50
C PHE B 295 6.58 10.90 -16.82
N VAL B 296 7.07 10.47 -17.98
CA VAL B 296 6.68 9.22 -18.71
C VAL B 296 7.96 8.69 -19.37
N GLY B 297 8.05 7.38 -19.51
CA GLY B 297 9.09 6.70 -20.29
C GLY B 297 8.46 5.61 -21.11
N LEU B 298 9.25 4.99 -21.97
CA LEU B 298 8.75 3.88 -22.81
C LEU B 298 9.58 2.62 -22.54
N PHE B 299 8.87 1.52 -22.41
CA PHE B 299 9.40 0.15 -22.50
C PHE B 299 9.17 -0.29 -23.97
N LEU B 300 10.25 -0.11 -24.75
CA LEU B 300 10.23 -0.33 -26.22
C LEU B 300 10.51 -1.80 -26.49
N VAL B 301 9.46 -2.53 -26.82
CA VAL B 301 9.50 -3.98 -27.05
C VAL B 301 9.44 -4.16 -28.57
N LYS B 302 10.58 -4.55 -29.12
CA LYS B 302 10.81 -4.82 -30.57
C LYS B 302 10.42 -6.24 -30.93
N LYS B 303 9.96 -6.43 -32.17
CA LYS B 303 9.89 -7.77 -32.82
C LYS B 303 11.32 -8.33 -32.98
N THR B 304 11.44 -9.64 -33.20
CA THR B 304 12.75 -10.31 -33.41
C THR B 304 13.43 -9.68 -34.63
N ASP B 305 12.64 -9.16 -35.58
CA ASP B 305 13.13 -8.44 -36.79
C ASP B 305 13.48 -6.98 -36.46
N GLY B 306 13.55 -6.58 -35.19
CA GLY B 306 14.09 -5.28 -34.74
C GLY B 306 13.12 -4.12 -34.88
N THR B 307 11.94 -4.33 -35.47
CA THR B 307 10.93 -3.25 -35.69
C THR B 307 9.94 -3.19 -34.51
N ILE B 308 9.19 -2.09 -34.43
CA ILE B 308 8.17 -1.84 -33.39
C ILE B 308 6.98 -1.14 -34.04
N PRO B 309 5.73 -1.56 -33.79
CA PRO B 309 4.56 -0.87 -34.34
C PRO B 309 4.66 0.66 -34.24
N GLY B 310 4.44 1.37 -35.35
CA GLY B 310 4.62 2.84 -35.43
C GLY B 310 3.91 3.56 -34.31
N TYR B 311 4.61 4.48 -33.62
CA TYR B 311 4.12 5.26 -32.45
C TYR B 311 4.63 6.71 -32.52
N GLU B 312 3.92 7.64 -31.89
CA GLU B 312 4.18 9.10 -31.95
C GLU B 312 4.19 9.70 -30.54
N GLY C 43 -13.07 -20.08 -22.95
CA GLY C 43 -12.66 -18.88 -23.74
C GLY C 43 -13.70 -18.50 -24.78
N GLU C 44 -14.72 -17.72 -24.40
CA GLU C 44 -15.70 -17.15 -25.37
C GLU C 44 -15.05 -15.95 -26.07
N VAL C 45 -15.37 -15.72 -27.35
CA VAL C 45 -15.14 -14.42 -28.05
C VAL C 45 -16.47 -13.67 -27.95
N ARG C 46 -16.45 -12.51 -27.30
CA ARG C 46 -17.65 -11.78 -26.84
C ARG C 46 -17.57 -10.37 -27.42
N ARG C 47 -18.72 -9.75 -27.56
CA ARG C 47 -18.82 -8.37 -28.13
C ARG C 47 -19.81 -7.61 -27.27
N ILE C 48 -19.50 -6.34 -27.01
CA ILE C 48 -20.45 -5.38 -26.40
C ILE C 48 -20.31 -4.10 -27.19
N LYS C 49 -21.34 -3.27 -27.09
CA LYS C 49 -21.27 -1.85 -27.52
C LYS C 49 -21.02 -0.99 -26.27
N LEU C 50 -20.19 0.02 -26.47
CA LEU C 50 -19.93 1.04 -25.43
C LEU C 50 -19.95 2.42 -26.08
N TYR C 51 -20.53 3.39 -25.39
CA TYR C 51 -20.63 4.80 -25.84
C TYR C 51 -20.10 5.71 -24.77
N ALA C 52 -19.28 6.67 -25.15
CA ALA C 52 -18.89 7.81 -24.29
C ALA C 52 -19.91 8.89 -24.60
N GLU C 53 -20.58 9.42 -23.58
CA GLU C 53 -21.58 10.50 -23.76
C GLU C 53 -21.24 11.63 -22.80
N ARG C 54 -21.49 12.86 -23.21
CA ARG C 54 -21.54 14.00 -22.28
C ARG C 54 -22.89 13.92 -21.56
N LEU C 55 -22.96 14.03 -20.24
CA LEU C 55 -24.24 13.97 -19.53
C LEU C 55 -24.87 15.37 -19.48
N ALA C 56 -26.19 15.44 -19.24
CA ALA C 56 -26.96 16.71 -19.14
C ALA C 56 -26.20 17.68 -18.21
N ASP C 57 -25.63 17.17 -17.11
CA ASP C 57 -24.99 17.98 -16.03
C ASP C 57 -23.57 18.41 -16.41
N GLY C 58 -23.05 17.99 -17.58
CA GLY C 58 -21.67 18.26 -18.05
C GLY C 58 -20.63 17.23 -17.55
N GLN C 59 -21.08 16.19 -16.88
CA GLN C 59 -20.20 15.02 -16.61
C GLN C 59 -19.95 14.31 -17.93
N MET C 60 -19.17 13.25 -17.93
CA MET C 60 -18.99 12.38 -19.13
C MET C 60 -19.01 10.94 -18.63
N GLY C 61 -19.76 10.08 -19.31
CA GLY C 61 -19.96 8.70 -18.86
C GLY C 61 -19.80 7.73 -20.00
N TYR C 62 -19.42 6.50 -19.66
CA TYR C 62 -19.64 5.33 -20.53
C TYR C 62 -21.00 4.67 -20.27
N GLY C 63 -21.62 4.19 -21.37
CA GLY C 63 -22.85 3.39 -21.32
C GLY C 63 -22.89 2.25 -22.36
N LEU C 64 -23.74 1.26 -22.09
CA LEU C 64 -23.99 0.07 -22.94
C LEU C 64 -24.98 0.45 -24.06
N GLU C 65 -25.72 1.54 -23.89
CA GLU C 65 -26.64 2.09 -24.93
C GLU C 65 -26.61 3.62 -24.89
N LYS C 66 -26.97 4.25 -25.98
CA LYS C 66 -27.03 5.73 -26.07
C LYS C 66 -28.05 6.25 -25.08
N GLY C 67 -27.68 7.35 -24.40
CA GLY C 67 -28.42 8.01 -23.31
C GLY C 67 -28.58 7.13 -22.09
N ARG C 68 -27.75 6.09 -21.91
CA ARG C 68 -27.80 5.25 -20.68
C ARG C 68 -26.44 5.24 -19.98
N ALA C 69 -25.58 6.19 -20.28
CA ALA C 69 -24.25 6.30 -19.62
C ALA C 69 -24.43 6.46 -18.10
N THR C 70 -23.52 5.83 -17.34
CA THR C 70 -23.48 5.92 -15.87
C THR C 70 -22.03 6.23 -15.45
N ILE C 71 -21.90 6.71 -14.22
CA ILE C 71 -20.60 6.98 -13.56
C ILE C 71 -20.74 6.32 -12.20
N PRO C 72 -19.94 5.28 -11.90
CA PRO C 72 -19.00 4.68 -12.86
C PRO C 72 -19.72 4.02 -14.03
N GLY C 73 -18.94 3.75 -15.06
CA GLY C 73 -19.38 3.03 -16.26
C GLY C 73 -19.85 1.63 -15.93
N PRO C 74 -20.42 0.94 -16.92
CA PRO C 74 -20.92 -0.42 -16.71
C PRO C 74 -19.82 -1.39 -16.25
N LEU C 75 -20.22 -2.30 -15.39
CA LEU C 75 -19.35 -3.42 -14.96
C LEU C 75 -19.17 -4.38 -16.14
N ILE C 76 -17.92 -4.55 -16.56
CA ILE C 76 -17.52 -5.62 -17.53
C ILE C 76 -16.97 -6.81 -16.74
N GLU C 77 -17.51 -8.01 -16.97
CA GLU C 77 -17.08 -9.24 -16.28
C GLU C 77 -16.67 -10.26 -17.33
N LEU C 78 -15.46 -10.80 -17.20
CA LEU C 78 -14.92 -11.82 -18.14
C LEU C 78 -14.35 -12.98 -17.33
N ASN C 79 -14.35 -14.18 -17.92
CA ASN C 79 -13.63 -15.36 -17.39
C ASN C 79 -12.27 -15.45 -18.05
N GLU C 80 -11.25 -15.82 -17.29
CA GLU C 80 -9.92 -15.99 -17.89
C GLU C 80 -9.99 -16.84 -19.17
N GLY C 81 -9.39 -16.36 -20.24
CA GLY C 81 -9.48 -17.01 -21.57
C GLY C 81 -10.42 -16.26 -22.50
N ASP C 82 -11.40 -15.55 -21.95
CA ASP C 82 -12.34 -14.78 -22.80
C ASP C 82 -11.65 -13.66 -23.56
N THR C 83 -12.15 -13.39 -24.78
CA THR C 83 -11.77 -12.22 -25.59
C THR C 83 -13.01 -11.34 -25.66
N LEU C 84 -12.86 -10.06 -25.39
CA LEU C 84 -13.98 -9.12 -25.55
C LEU C 84 -13.62 -8.11 -26.64
N HIS C 85 -14.57 -7.92 -27.57
CA HIS C 85 -14.49 -6.86 -28.60
C HIS C 85 -15.53 -5.79 -28.22
N ILE C 86 -15.00 -4.64 -27.88
CA ILE C 86 -15.80 -3.45 -27.46
C ILE C 86 -15.96 -2.56 -28.69
N GLU C 87 -17.18 -2.50 -29.22
CA GLU C 87 -17.53 -1.61 -30.35
C GLU C 87 -17.91 -0.27 -29.73
N PHE C 88 -16.90 0.55 -29.62
CA PHE C 88 -16.93 1.85 -28.94
C PHE C 88 -17.31 2.96 -29.94
N GLU C 89 -18.15 3.87 -29.47
CA GLU C 89 -18.56 5.08 -30.24
C GLU C 89 -18.37 6.26 -29.30
N ASN C 90 -17.58 7.21 -29.74
CA ASN C 90 -17.40 8.50 -29.04
C ASN C 90 -18.48 9.47 -29.57
N THR C 91 -19.56 9.63 -28.84
CA THR C 91 -20.71 10.50 -29.24
C THR C 91 -20.37 11.97 -28.93
N MET C 92 -19.19 12.24 -28.36
CA MET C 92 -18.90 13.59 -27.84
C MET C 92 -18.25 14.46 -28.93
N ASP C 93 -18.09 15.75 -28.64
CA ASP C 93 -17.51 16.74 -29.61
C ASP C 93 -16.02 16.91 -29.35
N VAL C 94 -15.44 16.07 -28.47
CA VAL C 94 -13.99 16.02 -28.20
C VAL C 94 -13.50 14.58 -28.36
N ARG C 95 -12.22 14.46 -28.62
CA ARG C 95 -11.55 13.16 -28.80
C ARG C 95 -11.70 12.43 -27.45
N ALA C 96 -11.89 11.11 -27.47
CA ALA C 96 -12.01 10.32 -26.22
C ALA C 96 -11.44 8.92 -26.49
N SER C 97 -11.22 8.14 -25.45
CA SER C 97 -10.66 6.79 -25.66
C SER C 97 -11.10 5.84 -24.55
N LEU C 98 -10.65 4.60 -24.71
CA LEU C 98 -10.89 3.50 -23.76
C LEU C 98 -9.55 2.83 -23.55
N HIS C 99 -9.08 2.86 -22.32
CA HIS C 99 -7.82 2.24 -21.89
C HIS C 99 -8.14 1.33 -20.72
N VAL C 100 -7.54 0.14 -20.69
CA VAL C 100 -7.86 -0.86 -19.64
C VAL C 100 -6.58 -1.19 -18.88
N HIS C 101 -6.76 -1.42 -17.57
CA HIS C 101 -5.68 -1.96 -16.71
C HIS C 101 -5.78 -3.50 -16.69
N GLY C 102 -4.62 -4.14 -16.59
CA GLY C 102 -4.50 -5.56 -16.25
C GLY C 102 -4.68 -6.55 -17.39
N LEU C 103 -5.64 -6.28 -18.29
CA LEU C 103 -5.99 -7.27 -19.33
C LEU C 103 -4.95 -7.21 -20.45
N ASP C 104 -4.94 -8.26 -21.30
CA ASP C 104 -4.06 -8.38 -22.46
C ASP C 104 -4.67 -7.53 -23.59
N TYR C 105 -3.90 -6.61 -24.10
CA TYR C 105 -4.31 -5.81 -25.27
C TYR C 105 -3.05 -5.49 -26.07
N GLU C 106 -3.22 -5.33 -27.39
CA GLU C 106 -2.14 -4.87 -28.29
C GLU C 106 -2.10 -3.34 -28.30
N VAL C 107 -1.01 -2.74 -28.80
CA VAL C 107 -0.81 -1.26 -28.79
C VAL C 107 -1.97 -0.60 -29.52
N SER C 108 -2.58 -1.27 -30.48
CA SER C 108 -3.72 -0.73 -31.26
C SER C 108 -4.99 -0.64 -30.40
N SER C 109 -4.99 -1.23 -29.18
CA SER C 109 -6.06 -1.04 -28.18
C SER C 109 -5.50 -0.39 -26.90
N ASP C 110 -4.35 0.27 -26.98
CA ASP C 110 -3.76 1.10 -25.90
C ASP C 110 -4.73 2.22 -25.49
N GLY C 111 -5.47 2.80 -26.45
CA GLY C 111 -6.33 3.96 -26.18
C GLY C 111 -5.56 5.24 -25.93
N THR C 112 -4.35 5.36 -26.46
CA THR C 112 -3.48 6.52 -26.32
C THR C 112 -3.26 7.21 -27.66
N THR C 113 -2.87 8.47 -27.61
CA THR C 113 -2.37 9.23 -28.78
C THR C 113 -1.06 8.59 -29.26
N LEU C 114 -0.17 8.27 -28.32
CA LEU C 114 1.13 7.62 -28.65
C LEU C 114 0.89 6.44 -29.61
N ASN C 115 -0.12 5.61 -29.36
CA ASN C 115 -0.35 4.39 -30.17
C ASN C 115 -1.58 4.55 -31.07
N LYS C 116 -1.88 5.79 -31.45
CA LYS C 116 -2.85 6.11 -32.53
C LYS C 116 -4.14 5.36 -32.27
N SER C 117 -4.61 5.37 -31.01
CA SER C 117 -5.61 4.42 -30.51
C SER C 117 -6.74 5.17 -29.79
N ASP C 118 -6.80 6.52 -29.92
CA ASP C 118 -7.96 7.30 -29.43
C ASP C 118 -9.00 7.46 -30.55
N VAL C 119 -10.13 8.12 -30.27
CA VAL C 119 -11.30 8.18 -31.18
C VAL C 119 -11.69 9.65 -31.39
N GLU C 120 -11.75 10.07 -32.64
CA GLU C 120 -12.19 11.44 -33.02
C GLU C 120 -13.64 11.65 -32.58
N PRO C 121 -14.06 12.93 -32.43
CA PRO C 121 -15.47 13.22 -32.11
C PRO C 121 -16.44 12.52 -33.06
N GLY C 122 -17.49 11.91 -32.53
CA GLY C 122 -18.46 11.09 -33.27
C GLY C 122 -17.88 9.81 -33.87
N GLY C 123 -16.60 9.51 -33.65
CA GLY C 123 -15.90 8.37 -34.26
C GLY C 123 -16.23 7.03 -33.62
N THR C 124 -15.78 5.96 -34.26
CA THR C 124 -15.98 4.57 -33.78
C THR C 124 -14.67 3.83 -33.84
N ARG C 125 -14.50 2.91 -32.89
CA ARG C 125 -13.33 2.02 -32.83
C ARG C 125 -13.67 0.77 -32.03
N THR C 126 -13.19 -0.35 -32.55
CA THR C 126 -13.32 -1.65 -31.87
C THR C 126 -12.05 -1.84 -31.06
N TYR C 127 -12.20 -1.83 -29.74
CA TYR C 127 -11.11 -2.18 -28.82
C TYR C 127 -11.19 -3.66 -28.51
N THR C 128 -10.04 -4.33 -28.44
CA THR C 128 -9.97 -5.78 -28.14
C THR C 128 -9.16 -6.01 -26.85
N TRP C 129 -9.85 -6.64 -25.91
CA TRP C 129 -9.27 -7.09 -24.62
C TRP C 129 -9.21 -8.61 -24.61
N ARG C 130 -8.02 -9.16 -24.34
CA ARG C 130 -7.87 -10.61 -24.21
C ARG C 130 -7.56 -10.88 -22.75
N THR C 131 -7.72 -12.15 -22.36
CA THR C 131 -7.38 -12.61 -21.01
C THR C 131 -6.78 -13.99 -21.14
N HIS C 132 -6.00 -14.38 -20.14
CA HIS C 132 -5.41 -15.75 -20.16
C HIS C 132 -5.50 -16.34 -18.75
N ALA C 133 -5.60 -17.66 -18.64
CA ALA C 133 -5.52 -18.43 -17.40
C ALA C 133 -4.04 -18.55 -17.03
N PRO C 134 -3.74 -18.84 -15.76
CA PRO C 134 -2.36 -19.04 -15.34
C PRO C 134 -1.89 -20.39 -15.89
N GLY C 135 -0.60 -20.58 -15.93
CA GLY C 135 -0.09 -21.91 -16.32
C GLY C 135 1.40 -21.95 -16.33
N ARG C 136 1.93 -23.16 -16.51
CA ARG C 136 3.40 -23.38 -16.50
C ARG C 136 3.95 -22.96 -17.88
N ARG C 137 4.95 -22.07 -17.93
CA ARG C 137 5.73 -21.80 -19.16
C ARG C 137 6.76 -22.93 -19.37
N SER C 138 7.34 -23.02 -20.58
CA SER C 138 8.48 -23.92 -20.90
C SER C 138 9.68 -23.66 -19.98
N ASP C 139 9.98 -22.41 -19.65
CA ASP C 139 11.15 -22.04 -18.80
C ASP C 139 10.90 -22.56 -17.37
N GLY C 140 9.82 -23.35 -17.17
CA GLY C 140 9.39 -23.91 -15.87
C GLY C 140 8.71 -22.91 -14.95
N THR C 141 8.58 -21.64 -15.35
CA THR C 141 8.03 -20.59 -14.46
C THR C 141 6.50 -20.64 -14.52
N TRP C 142 5.87 -20.01 -13.55
CA TRP C 142 4.40 -19.90 -13.48
C TRP C 142 3.99 -18.55 -14.08
N ARG C 143 3.18 -18.60 -15.13
CA ARG C 143 2.64 -17.38 -15.75
C ARG C 143 1.41 -17.01 -14.95
N ALA C 144 1.39 -15.79 -14.44
CA ALA C 144 0.20 -15.29 -13.71
C ALA C 144 -0.93 -15.07 -14.69
N GLY C 145 -2.13 -15.43 -14.28
CA GLY C 145 -3.35 -15.18 -15.04
C GLY C 145 -3.75 -13.72 -15.07
N SER C 146 -4.77 -13.43 -15.87
CA SER C 146 -5.45 -12.11 -15.91
C SER C 146 -6.34 -11.83 -14.73
N ALA C 147 -6.75 -12.79 -13.91
CA ALA C 147 -7.85 -12.63 -12.96
C ALA C 147 -7.53 -11.48 -12.00
N GLY C 148 -8.52 -10.66 -11.72
CA GLY C 148 -8.38 -9.62 -10.69
C GLY C 148 -9.46 -8.60 -10.83
N TYR C 149 -9.37 -7.62 -9.96
CA TYR C 149 -10.20 -6.41 -9.98
C TYR C 149 -9.44 -5.34 -10.74
N TRP C 150 -10.01 -4.95 -11.89
CA TRP C 150 -9.37 -4.03 -12.85
C TRP C 150 -10.33 -2.88 -13.15
N HIS C 151 -9.96 -2.06 -14.11
CA HIS C 151 -10.77 -0.88 -14.45
C HIS C 151 -10.36 -0.38 -15.81
N TYR C 152 -11.26 0.41 -16.40
CA TYR C 152 -11.04 1.06 -17.71
C TYR C 152 -11.33 2.55 -17.56
N HIS C 153 -10.65 3.37 -18.35
CA HIS C 153 -10.88 4.83 -18.30
C HIS C 153 -10.37 5.51 -19.55
N ASP C 154 -10.79 6.76 -19.71
CA ASP C 154 -10.35 7.59 -20.85
C ASP C 154 -8.88 7.96 -20.65
N HIS C 155 -8.18 8.08 -21.75
CA HIS C 155 -6.76 8.47 -21.76
C HIS C 155 -6.49 9.74 -22.57
N VAL C 156 -7.47 10.45 -23.13
CA VAL C 156 -7.15 11.63 -23.98
C VAL C 156 -8.07 12.84 -23.73
N VAL C 157 -9.14 12.76 -22.95
CA VAL C 157 -9.99 13.95 -22.65
C VAL C 157 -9.26 14.89 -21.71
N GLY C 158 -9.11 16.17 -22.12
CA GLY C 158 -8.43 17.21 -21.32
C GLY C 158 -6.93 17.19 -21.47
N THR C 159 -6.28 16.03 -21.25
CA THR C 159 -4.82 15.83 -21.44
C THR C 159 -4.56 14.46 -22.07
N GLU C 160 -3.33 14.22 -22.46
CA GLU C 160 -2.92 12.94 -23.10
C GLU C 160 -2.85 11.83 -22.04
N HIS C 161 -3.27 12.11 -20.79
CA HIS C 161 -3.39 11.08 -19.72
C HIS C 161 -4.83 11.00 -19.22
N GLY C 162 -5.77 11.63 -19.94
CA GLY C 162 -7.18 11.49 -19.64
C GLY C 162 -7.58 12.26 -18.38
N THR C 163 -6.80 13.26 -17.96
CA THR C 163 -7.09 13.96 -16.68
C THR C 163 -8.50 14.52 -16.70
N GLY C 164 -8.92 15.12 -17.83
CA GLY C 164 -10.28 15.69 -17.89
C GLY C 164 -11.34 14.63 -17.99
N GLY C 165 -11.15 13.58 -18.81
CA GLY C 165 -12.16 12.53 -18.90
C GLY C 165 -12.38 11.81 -17.57
N ILE C 166 -11.29 11.40 -16.95
CA ILE C 166 -11.35 10.77 -15.59
C ILE C 166 -12.09 11.69 -14.62
N ARG C 167 -11.72 12.96 -14.56
CA ARG C 167 -12.39 13.91 -13.62
C ARG C 167 -13.89 13.93 -13.91
N LYS C 168 -14.26 13.93 -15.19
CA LYS C 168 -15.68 14.10 -15.54
C LYS C 168 -16.49 12.81 -15.43
N GLY C 169 -15.87 11.63 -15.26
CA GLY C 169 -16.65 10.41 -15.06
C GLY C 169 -16.31 9.23 -15.97
N LEU C 170 -15.35 9.34 -16.87
CA LEU C 170 -15.03 8.26 -17.82
C LEU C 170 -14.12 7.24 -17.14
N TYR C 171 -14.74 6.43 -16.32
CA TYR C 171 -14.07 5.30 -15.62
C TYR C 171 -15.14 4.27 -15.31
N GLY C 172 -14.71 3.01 -15.30
CA GLY C 172 -15.61 1.94 -14.89
C GLY C 172 -14.82 0.70 -14.51
N PRO C 173 -15.51 -0.25 -13.86
CA PRO C 173 -14.84 -1.44 -13.33
C PRO C 173 -14.80 -2.62 -14.32
N VAL C 174 -13.76 -3.45 -14.24
CA VAL C 174 -13.67 -4.73 -15.00
C VAL C 174 -13.29 -5.81 -14.01
N ILE C 175 -14.01 -6.89 -13.97
CA ILE C 175 -13.60 -8.05 -13.10
C ILE C 175 -13.22 -9.19 -14.06
N VAL C 176 -12.08 -9.81 -13.85
CA VAL C 176 -11.71 -11.05 -14.57
C VAL C 176 -11.73 -12.15 -13.52
N ARG C 177 -12.55 -13.17 -13.74
CA ARG C 177 -12.68 -14.29 -12.79
C ARG C 177 -11.81 -15.46 -13.25
N ARG C 178 -11.27 -16.14 -12.27
CA ARG C 178 -10.60 -17.44 -12.48
C ARG C 178 -11.67 -18.51 -12.38
N LYS C 179 -11.45 -19.67 -13.07
CA LYS C 179 -12.29 -20.86 -12.87
C LYS C 179 -12.34 -21.22 -11.38
N GLY C 180 -13.54 -21.43 -10.84
CA GLY C 180 -13.77 -21.81 -9.44
C GLY C 180 -13.93 -20.62 -8.53
N ASP C 181 -13.67 -19.40 -9.01
CA ASP C 181 -13.83 -18.23 -8.11
C ASP C 181 -15.25 -18.22 -7.55
N VAL C 182 -15.44 -17.71 -6.35
CA VAL C 182 -16.80 -17.62 -5.75
C VAL C 182 -17.50 -16.37 -6.31
N LEU C 183 -18.74 -16.52 -6.74
CA LEU C 183 -19.54 -15.43 -7.35
C LEU C 183 -20.49 -14.88 -6.30
N PRO C 184 -20.73 -13.55 -6.35
CA PRO C 184 -21.52 -12.86 -5.34
C PRO C 184 -23.01 -12.72 -5.68
N ASP C 185 -23.80 -12.37 -4.67
CA ASP C 185 -25.23 -11.98 -4.84
C ASP C 185 -25.35 -10.64 -5.56
N ALA C 186 -24.39 -9.74 -5.36
CA ALA C 186 -24.38 -8.40 -5.95
C ALA C 186 -22.95 -7.86 -5.96
N THR C 187 -22.67 -6.96 -6.87
CA THR C 187 -21.40 -6.24 -7.00
C THR C 187 -21.66 -4.74 -6.98
N HIS C 188 -20.88 -4.00 -6.19
CA HIS C 188 -20.99 -2.53 -6.02
C HIS C 188 -19.62 -1.94 -6.25
N THR C 189 -19.55 -0.87 -7.04
CA THR C 189 -18.31 -0.21 -7.43
C THR C 189 -18.23 1.15 -6.72
N ILE C 190 -17.15 1.32 -5.95
CA ILE C 190 -16.84 2.57 -5.22
C ILE C 190 -15.58 3.15 -5.83
N VAL C 191 -15.67 4.34 -6.39
CA VAL C 191 -14.54 5.07 -6.99
C VAL C 191 -14.28 6.34 -6.20
N PHE C 192 -13.11 6.45 -5.62
CA PHE C 192 -12.60 7.70 -5.02
C PHE C 192 -11.94 8.47 -6.16
N ASN C 193 -12.63 9.49 -6.66
CA ASN C 193 -12.17 10.26 -7.82
C ASN C 193 -11.89 11.69 -7.33
N ASP C 194 -10.63 12.05 -7.14
CA ASP C 194 -10.24 13.26 -6.38
C ASP C 194 -10.94 13.19 -5.03
N MET C 195 -11.75 14.18 -4.63
CA MET C 195 -12.44 14.19 -3.31
C MET C 195 -13.84 13.59 -3.41
N LEU C 196 -14.29 13.16 -4.61
CA LEU C 196 -15.65 12.66 -4.83
C LEU C 196 -15.72 11.13 -4.68
N ILE C 197 -16.91 10.59 -4.43
CA ILE C 197 -17.20 9.13 -4.52
C ILE C 197 -18.18 8.94 -5.69
N ASN C 198 -17.77 8.23 -6.75
CA ASN C 198 -18.66 8.01 -7.92
C ASN C 198 -19.18 9.35 -8.47
N ASN C 199 -18.39 10.41 -8.33
CA ASN C 199 -18.68 11.77 -8.85
C ASN C 199 -19.96 12.31 -8.20
N ARG C 200 -20.38 11.80 -7.04
CA ARG C 200 -21.58 12.34 -6.37
C ARG C 200 -21.21 13.64 -5.65
N PRO C 201 -22.18 14.56 -5.46
CA PRO C 201 -22.05 15.65 -4.47
C PRO C 201 -21.93 15.15 -3.00
N ALA C 202 -21.39 15.99 -2.11
CA ALA C 202 -21.28 15.71 -0.64
C ALA C 202 -22.66 15.35 -0.08
N HIS C 203 -22.70 14.41 0.88
CA HIS C 203 -23.93 13.91 1.57
C HIS C 203 -24.99 13.44 0.55
N SER C 204 -24.58 12.79 -0.55
CA SER C 204 -25.50 12.19 -1.54
C SER C 204 -25.02 10.78 -1.92
N GLY C 205 -24.53 10.01 -0.96
CA GLY C 205 -24.13 8.58 -1.08
C GLY C 205 -22.81 8.39 -1.82
N PRO C 206 -22.66 7.32 -2.64
CA PRO C 206 -23.75 6.40 -2.92
C PRO C 206 -23.95 5.39 -1.79
N ASN C 207 -25.19 4.95 -1.64
CA ASN C 207 -25.58 3.91 -0.66
C ASN C 207 -25.80 2.63 -1.46
N PHE C 208 -25.49 1.51 -0.84
CA PHE C 208 -25.75 0.20 -1.44
C PHE C 208 -26.51 -0.63 -0.43
N GLU C 209 -27.57 -1.31 -0.87
CA GLU C 209 -28.44 -2.08 0.02
C GLU C 209 -28.14 -3.57 -0.15
N ALA C 210 -28.22 -4.29 0.95
CA ALA C 210 -28.13 -5.76 0.99
C ALA C 210 -29.01 -6.28 2.10
N THR C 211 -29.12 -7.59 2.14
CA THR C 211 -29.72 -8.30 3.27
C THR C 211 -28.62 -9.04 4.02
N VAL C 212 -28.83 -9.22 5.31
CA VAL C 212 -27.97 -10.06 6.17
C VAL C 212 -27.70 -11.38 5.46
N GLY C 213 -26.44 -11.77 5.46
CA GLY C 213 -26.06 -13.08 4.90
C GLY C 213 -25.71 -13.01 3.44
N ASP C 214 -26.10 -11.97 2.71
CA ASP C 214 -25.80 -11.83 1.28
C ASP C 214 -24.28 -11.84 1.07
N ARG C 215 -23.85 -12.47 -0.01
CA ARG C 215 -22.43 -12.37 -0.43
C ARG C 215 -22.30 -11.17 -1.31
N VAL C 216 -21.68 -10.11 -0.76
CA VAL C 216 -21.64 -8.84 -1.48
C VAL C 216 -20.21 -8.54 -1.91
N GLU C 217 -20.04 -8.22 -3.19
CA GLU C 217 -18.73 -7.86 -3.78
C GLU C 217 -18.59 -6.36 -3.93
N PHE C 218 -17.41 -5.85 -3.58
CA PHE C 218 -17.06 -4.44 -3.76
C PHE C 218 -15.84 -4.39 -4.65
N VAL C 219 -15.89 -3.49 -5.63
CA VAL C 219 -14.76 -3.13 -6.50
C VAL C 219 -14.41 -1.71 -6.10
N MET C 220 -13.17 -1.47 -5.75
CA MET C 220 -12.74 -0.18 -5.16
C MET C 220 -11.58 0.37 -6.02
N ILE C 221 -11.86 1.45 -6.71
CA ILE C 221 -10.99 2.09 -7.72
C ILE C 221 -10.70 3.52 -7.26
N THR C 222 -9.50 3.99 -7.50
CA THR C 222 -9.09 5.36 -7.13
C THR C 222 -8.60 6.06 -8.39
N HIS C 223 -8.86 7.35 -8.45
CA HIS C 223 -8.46 8.22 -9.58
C HIS C 223 -8.10 9.60 -9.10
N GLY C 224 -7.25 10.26 -9.88
CA GLY C 224 -7.07 11.71 -9.78
C GLY C 224 -5.75 12.10 -9.19
N GLU C 225 -5.77 12.99 -8.22
CA GLU C 225 -4.53 13.63 -7.73
C GLU C 225 -4.11 13.09 -6.36
N TYR C 226 -5.03 12.54 -5.58
CA TYR C 226 -4.84 12.34 -4.11
C TYR C 226 -4.73 10.87 -3.73
N TYR C 227 -3.95 10.60 -2.70
CA TYR C 227 -4.02 9.31 -2.00
C TYR C 227 -5.22 9.38 -1.06
N HIS C 228 -5.73 8.22 -0.76
CA HIS C 228 -6.88 8.02 0.13
C HIS C 228 -6.66 6.80 1.01
N THR C 229 -7.51 6.63 2.02
CA THR C 229 -7.62 5.36 2.76
C THR C 229 -9.09 4.93 2.77
N PHE C 230 -9.36 3.80 2.16
CA PHE C 230 -10.72 3.24 2.11
C PHE C 230 -11.02 2.47 3.41
N HIS C 231 -12.09 2.82 4.12
CA HIS C 231 -12.52 2.16 5.39
C HIS C 231 -13.99 1.78 5.30
N MET C 232 -14.28 0.56 5.69
CA MET C 232 -15.68 0.10 5.83
C MET C 232 -15.93 -0.36 7.26
N HIS C 233 -16.96 0.20 7.89
CA HIS C 233 -17.39 -0.20 9.24
C HIS C 233 -18.05 -1.60 9.22
N GLY C 234 -17.78 -2.37 10.26
CA GLY C 234 -18.47 -3.65 10.57
C GLY C 234 -18.01 -4.82 9.72
N HIS C 235 -17.03 -4.62 8.82
CA HIS C 235 -16.62 -5.64 7.85
C HIS C 235 -15.10 -5.60 7.65
N ARG C 236 -14.57 -6.69 7.12
CA ARG C 236 -13.11 -6.76 6.89
C ARG C 236 -12.89 -7.70 5.71
N TRP C 237 -11.67 -7.66 5.15
CA TRP C 237 -11.33 -8.49 3.99
C TRP C 237 -9.83 -8.77 3.97
N ALA C 238 -9.44 -9.62 3.04
CA ALA C 238 -8.03 -10.03 2.93
C ALA C 238 -7.31 -9.18 1.92
N ASP C 239 -6.06 -8.84 2.20
CA ASP C 239 -5.24 -8.08 1.23
C ASP C 239 -4.58 -9.06 0.27
N ASN C 240 -5.37 -9.58 -0.68
CA ASN C 240 -4.87 -10.56 -1.67
C ASN C 240 -5.71 -10.41 -2.97
N ARG C 241 -5.50 -11.33 -3.94
CA ARG C 241 -6.14 -11.18 -5.27
C ARG C 241 -7.67 -11.05 -5.14
N THR C 242 -8.32 -11.94 -4.40
CA THR C 242 -9.80 -12.06 -4.38
C THR C 242 -10.40 -11.24 -3.24
N GLY C 243 -9.55 -10.72 -2.34
CA GLY C 243 -10.03 -10.13 -1.09
C GLY C 243 -10.56 -11.11 -0.09
N MET C 244 -10.33 -12.41 -0.30
CA MET C 244 -10.84 -13.48 0.57
C MET C 244 -9.67 -14.40 0.86
N LEU C 245 -9.54 -14.86 2.10
CA LEU C 245 -8.45 -15.80 2.38
C LEU C 245 -8.75 -17.12 1.71
N THR C 246 -7.71 -17.73 1.16
CA THR C 246 -7.87 -19.04 0.48
C THR C 246 -8.20 -20.14 1.51
N GLY C 247 -7.77 -19.99 2.75
CA GLY C 247 -7.83 -21.00 3.81
C GLY C 247 -6.84 -20.65 4.90
N PRO C 248 -6.64 -21.54 5.87
CA PRO C 248 -5.77 -21.26 7.01
C PRO C 248 -4.30 -21.09 6.65
N ASP C 249 -3.89 -21.48 5.45
CA ASP C 249 -2.48 -21.34 4.98
C ASP C 249 -2.28 -20.04 4.21
N ASP C 250 -3.26 -19.14 4.23
CA ASP C 250 -3.10 -17.86 3.55
C ASP C 250 -2.74 -16.84 4.62
N PRO C 251 -1.51 -16.31 4.59
CA PRO C 251 -1.01 -15.36 5.59
C PRO C 251 -1.35 -13.89 5.29
N SER C 252 -2.20 -13.65 4.30
CA SER C 252 -2.56 -12.27 3.89
C SER C 252 -3.07 -11.46 5.07
N GLN C 253 -2.69 -10.19 5.17
CA GLN C 253 -3.24 -9.37 6.23
C GLN C 253 -4.76 -9.25 6.04
N VAL C 254 -5.48 -9.32 7.15
CA VAL C 254 -6.92 -9.03 7.19
C VAL C 254 -7.04 -7.59 7.66
N VAL C 255 -7.81 -6.80 6.90
CA VAL C 255 -7.84 -5.32 7.00
C VAL C 255 -9.26 -4.82 6.93
N ASP C 256 -9.45 -3.58 7.44
CA ASP C 256 -10.70 -2.83 7.16
C ASP C 256 -10.38 -1.44 6.63
N ASN C 257 -9.12 -1.20 6.30
CA ASN C 257 -8.63 0.16 5.95
C ASN C 257 -7.46 -0.03 5.01
N LYS C 258 -7.47 0.66 3.87
CA LYS C 258 -6.41 0.39 2.87
C LYS C 258 -6.04 1.69 2.18
N ILE C 259 -4.75 1.96 2.18
CA ILE C 259 -4.24 3.13 1.39
C ILE C 259 -4.26 2.81 -0.09
N VAL C 260 -4.77 3.75 -0.86
CA VAL C 260 -4.94 3.64 -2.33
C VAL C 260 -4.47 4.95 -2.95
N GLY C 261 -3.97 4.86 -4.16
CA GLY C 261 -3.63 6.04 -4.96
C GLY C 261 -4.24 5.94 -6.35
N PRO C 262 -4.06 7.00 -7.16
CA PRO C 262 -4.62 7.02 -8.50
C PRO C 262 -4.29 5.79 -9.37
N ALA C 263 -5.37 5.19 -9.86
CA ALA C 263 -5.43 4.00 -10.75
C ALA C 263 -5.23 2.71 -9.98
N ASP C 264 -5.21 2.78 -8.67
CA ASP C 264 -5.25 1.52 -7.89
C ASP C 264 -6.64 0.89 -8.01
N SER C 265 -6.69 -0.46 -8.04
CA SER C 265 -7.95 -1.19 -8.01
C SER C 265 -7.77 -2.41 -7.11
N PHE C 266 -8.78 -2.68 -6.31
CA PHE C 266 -8.83 -3.95 -5.54
C PHE C 266 -10.28 -4.28 -5.38
N GLY C 267 -10.54 -5.47 -4.86
CA GLY C 267 -11.92 -5.85 -4.60
C GLY C 267 -11.94 -6.88 -3.52
N PHE C 268 -13.14 -7.18 -3.07
CA PHE C 268 -13.35 -8.18 -2.02
C PHE C 268 -14.82 -8.57 -2.00
N GLN C 269 -15.10 -9.60 -1.26
CA GLN C 269 -16.47 -10.03 -0.94
C GLN C 269 -16.61 -10.19 0.57
N VAL C 270 -17.77 -9.82 1.10
CA VAL C 270 -18.10 -10.03 2.52
C VAL C 270 -19.44 -10.75 2.59
N ILE C 271 -19.67 -11.38 3.71
CA ILE C 271 -21.03 -11.82 4.07
C ILE C 271 -21.65 -10.67 4.85
N ALA C 272 -22.65 -10.02 4.23
CA ALA C 272 -23.23 -8.76 4.77
C ALA C 272 -23.67 -9.01 6.20
N GLY C 273 -23.22 -8.17 7.13
CA GLY C 273 -23.58 -8.27 8.54
C GLY C 273 -23.02 -9.46 9.28
N GLU C 274 -22.04 -10.16 8.72
CA GLU C 274 -21.52 -11.38 9.39
C GLU C 274 -20.96 -11.03 10.77
N GLY C 275 -21.48 -11.66 11.83
CA GLY C 275 -21.05 -11.48 13.21
C GLY C 275 -21.32 -10.07 13.75
N VAL C 276 -22.01 -9.19 12.99
CA VAL C 276 -22.18 -7.77 13.44
C VAL C 276 -23.65 -7.35 13.34
N GLY C 277 -24.43 -8.01 12.51
CA GLY C 277 -25.88 -7.72 12.36
C GLY C 277 -26.24 -6.72 11.30
N ALA C 278 -27.56 -6.56 11.13
CA ALA C 278 -28.09 -5.52 10.26
C ALA C 278 -27.69 -4.14 10.77
N GLY C 279 -27.62 -3.19 9.88
CA GLY C 279 -27.29 -1.82 10.24
C GLY C 279 -26.87 -1.01 9.09
N ALA C 280 -26.82 0.30 9.32
CA ALA C 280 -26.19 1.27 8.39
C ALA C 280 -24.68 1.24 8.69
N TRP C 281 -23.95 0.63 7.77
CA TRP C 281 -22.50 0.44 7.89
C TRP C 281 -21.77 1.42 6.99
N MET C 282 -21.19 2.47 7.57
CA MET C 282 -20.62 3.53 6.73
C MET C 282 -19.34 3.03 6.05
N TYR C 283 -19.07 3.53 4.88
CA TYR C 283 -17.75 3.41 4.24
C TYR C 283 -17.34 4.83 3.89
N HIS C 284 -16.06 5.13 3.97
CA HIS C 284 -15.59 6.50 3.78
C HIS C 284 -14.08 6.48 3.66
N CYS C 285 -13.54 7.60 3.17
CA CYS C 285 -12.09 7.80 3.21
C CYS C 285 -11.75 8.11 4.65
N HIS C 286 -10.63 7.61 5.16
CA HIS C 286 -10.27 7.88 6.57
C HIS C 286 -9.28 9.05 6.68
N VAL C 287 -8.85 9.64 5.57
CA VAL C 287 -8.06 10.90 5.64
C VAL C 287 -8.97 11.97 6.20
N GLN C 288 -8.59 12.56 7.32
CA GLN C 288 -9.60 13.27 8.16
C GLN C 288 -10.23 14.43 7.37
N SER C 289 -9.47 15.27 6.67
CA SER C 289 -10.08 16.40 5.93
C SER C 289 -11.02 15.85 4.84
N HIS C 290 -10.76 14.66 4.30
CA HIS C 290 -11.60 14.12 3.20
C HIS C 290 -12.96 13.68 3.76
N SER C 291 -12.94 12.92 4.86
CA SER C 291 -14.17 12.41 5.53
C SER C 291 -15.00 13.58 6.03
N ASP C 292 -14.35 14.67 6.37
CA ASP C 292 -15.05 15.85 6.94
C ASP C 292 -15.73 16.68 5.85
N MET C 293 -15.48 16.38 4.59
CA MET C 293 -16.09 17.12 3.45
C MET C 293 -17.51 16.65 3.28
N GLY C 294 -17.85 15.50 3.90
CA GLY C 294 -19.18 14.88 3.91
C GLY C 294 -19.29 13.85 2.81
N PHE C 295 -18.15 13.36 2.30
CA PHE C 295 -18.09 12.28 1.28
C PHE C 295 -18.05 10.94 2.04
N VAL C 296 -19.25 10.39 2.23
CA VAL C 296 -19.52 9.14 3.00
C VAL C 296 -20.65 8.40 2.29
N GLY C 297 -20.58 7.09 2.28
CA GLY C 297 -21.69 6.27 1.79
C GLY C 297 -22.09 5.27 2.83
N LEU C 298 -23.26 4.66 2.63
CA LEU C 298 -23.77 3.68 3.57
C LEU C 298 -23.96 2.36 2.85
N PHE C 299 -23.44 1.33 3.49
CA PHE C 299 -23.78 -0.08 3.19
C PHE C 299 -24.90 -0.46 4.11
N LEU C 300 -26.13 -0.39 3.55
CA LEU C 300 -27.37 -0.61 4.32
C LEU C 300 -27.71 -2.08 4.30
N VAL C 301 -27.41 -2.73 5.40
CA VAL C 301 -27.60 -4.19 5.54
C VAL C 301 -28.89 -4.37 6.33
N LYS C 302 -29.91 -4.85 5.63
CA LYS C 302 -31.27 -5.06 6.19
C LYS C 302 -31.42 -6.46 6.75
N LYS C 303 -32.30 -6.59 7.72
CA LYS C 303 -32.79 -7.90 8.21
C LYS C 303 -33.64 -8.56 7.11
N THR C 304 -33.86 -9.85 7.26
CA THR C 304 -34.65 -10.62 6.26
C THR C 304 -36.11 -10.19 6.27
N ASP C 305 -36.51 -9.37 7.24
CA ASP C 305 -37.88 -8.78 7.28
C ASP C 305 -37.83 -7.37 6.69
N GLY C 306 -36.72 -6.96 6.08
CA GLY C 306 -36.60 -5.68 5.36
C GLY C 306 -36.32 -4.50 6.26
N THR C 307 -36.22 -4.72 7.57
CA THR C 307 -36.01 -3.60 8.54
C THR C 307 -34.52 -3.39 8.78
N ILE C 308 -34.18 -2.25 9.34
CA ILE C 308 -32.79 -1.89 9.70
C ILE C 308 -32.81 -1.11 10.99
N PRO C 309 -31.83 -1.32 11.89
CA PRO C 309 -31.72 -0.47 13.07
C PRO C 309 -31.68 1.00 12.66
N GLY C 310 -32.42 1.80 13.41
CA GLY C 310 -32.59 3.22 13.10
C GLY C 310 -31.25 3.95 13.14
N TYR C 311 -31.07 4.79 12.14
CA TYR C 311 -29.84 5.58 11.97
C TYR C 311 -30.24 6.97 11.50
N GLU C 312 -29.28 7.90 11.62
CA GLU C 312 -29.52 9.33 11.37
C GLU C 312 -28.50 9.86 10.39
N PRO C 313 -28.81 9.84 9.10
CA PRO C 313 -27.85 10.28 8.08
C PRO C 313 -27.69 11.81 8.02
N ALA D 1 -34.08 8.51 11.37
CA ALA D 1 -35.50 8.11 11.01
C ALA D 1 -36.43 9.33 10.98
N HIS D 2 -36.14 10.39 11.74
CA HIS D 2 -37.10 11.50 11.97
C HIS D 2 -37.28 12.40 10.73
N ALA D 3 -36.29 12.45 9.83
CA ALA D 3 -36.29 13.28 8.58
C ALA D 3 -35.86 12.40 7.40
#